data_5QJU
#
_entry.id   5QJU
#
_cell.length_a   48.918
_cell.length_b   59.649
_cell.length_c   80.054
_cell.angle_alpha   79.550
_cell.angle_beta   81.880
_cell.angle_gamma   76.150
#
_symmetry.space_group_name_H-M   'P 1'
#
loop_
_entity.id
_entity.type
_entity.pdbx_description
1 polymer 'ADP-sugar pyrophosphatase'
2 non-polymer 'MAGNESIUM ION'
3 non-polymer 'CHLORIDE ION'
4 non-polymer 5-chloro-2-(propan-2-yl)pyrimidine-4-carboxamide
5 non-polymer 1,2-ETHANEDIOL
6 water water
#
_entity_poly.entity_id   1
_entity_poly.type   'polypeptide(L)'
_entity_poly.pdbx_seq_one_letter_code
;SMESQEPTESSQNGKQYIISEELISEGKWVKLEKTTYMDPTGKTRTWESVKRTTRKEQTADGVAVIPVLQRTLHYECIVL
VKQFRPPMGGYCIEFPAGLIDDGETPEAAALRELEEETGYKGDIAECSPAVCMDPGLSNCTIHIVTVTINGDDAENARPK
PKPGDGEFVEVISLPKNDLLQRLDALVAEEHLTVDARVYSYALALKHAN
;
_entity_poly.pdbx_strand_id   A,B,C,D
#
# COMPACT_ATOMS: atom_id res chain seq x y z
N LYS A 15 16.14 43.31 -11.37
CA LYS A 15 15.12 44.23 -10.82
C LYS A 15 15.17 44.28 -9.28
N GLN A 16 14.73 43.23 -8.57
CA GLN A 16 14.54 43.33 -7.08
C GLN A 16 15.71 42.94 -6.20
N TYR A 17 15.80 43.63 -5.08
CA TYR A 17 16.91 43.43 -4.13
C TYR A 17 16.63 44.06 -2.80
N ILE A 18 17.36 43.59 -1.80
CA ILE A 18 17.36 44.06 -0.44
C ILE A 18 18.13 45.38 -0.33
N ILE A 19 17.47 46.35 0.32
CA ILE A 19 18.02 47.68 0.70
C ILE A 19 18.54 47.65 2.12
N SER A 20 17.75 47.17 3.07
CA SER A 20 18.24 47.01 4.42
C SER A 20 17.47 45.97 5.19
N GLU A 21 18.02 45.56 6.33
CA GLU A 21 17.41 44.56 7.20
C GLU A 21 17.57 45.12 8.59
N GLU A 22 16.48 45.35 9.32
CA GLU A 22 16.55 45.88 10.68
C GLU A 22 15.96 44.90 11.67
N LEU A 23 16.72 44.64 12.73
CA LEU A 23 16.28 43.75 13.79
C LEU A 23 14.99 44.28 14.40
N ILE A 24 13.95 43.48 14.44
CA ILE A 24 12.76 43.81 15.25
C ILE A 24 12.87 43.21 16.65
N SER A 25 13.19 41.92 16.75
CA SER A 25 13.21 41.20 18.03
C SER A 25 14.06 39.96 17.84
N GLU A 26 15.00 39.69 18.75
CA GLU A 26 15.94 38.57 18.66
C GLU A 26 15.79 37.72 19.91
N GLY A 27 15.35 36.44 19.72
CA GLY A 27 15.42 35.40 20.72
C GLY A 27 16.76 34.73 20.66
N LYS A 28 16.89 33.68 21.44
CA LYS A 28 18.08 32.83 21.42
C LYS A 28 18.23 32.05 20.12
N TRP A 29 17.08 31.67 19.54
CA TRP A 29 17.01 30.76 18.41
C TRP A 29 16.44 31.35 17.12
N VAL A 30 15.47 32.26 17.27
CA VAL A 30 14.69 32.81 16.17
C VAL A 30 14.59 34.34 16.38
N LYS A 31 14.70 35.08 15.29
CA LYS A 31 14.50 36.51 15.27
C LYS A 31 13.50 36.96 14.20
N LEU A 32 12.91 38.13 14.43
CA LEU A 32 12.11 38.87 13.50
C LEU A 32 12.82 40.13 13.00
N GLU A 33 12.80 40.33 11.67
CA GLU A 33 13.45 41.47 10.97
C GLU A 33 12.47 42.21 10.07
N LYS A 34 12.64 43.55 9.96
CA LYS A 34 11.93 44.38 9.01
C LYS A 34 12.86 44.50 7.80
N THR A 35 12.39 43.98 6.67
CA THR A 35 13.19 43.90 5.48
C THR A 35 12.69 44.97 4.58
N THR A 36 13.61 45.85 4.15
CA THR A 36 13.33 46.85 3.16
C THR A 36 13.94 46.45 1.86
N TYR A 37 13.11 46.48 0.83
CA TYR A 37 13.54 46.06 -0.52
C TYR A 37 12.99 46.92 -1.62
N MET A 38 13.64 46.82 -2.76
CA MET A 38 13.24 47.50 -3.99
C MET A 38 12.31 46.64 -4.83
N ASP A 39 11.10 47.17 -5.08
CA ASP A 39 10.09 46.40 -5.85
C ASP A 39 10.38 46.60 -7.34
N PRO A 40 9.75 45.80 -8.19
CA PRO A 40 10.16 45.86 -9.61
C PRO A 40 9.76 47.13 -10.34
N THR A 41 8.76 47.87 -9.83
CA THR A 41 8.38 49.20 -10.35
C THR A 41 9.36 50.32 -9.95
N GLY A 42 10.29 50.05 -9.04
CA GLY A 42 11.26 51.06 -8.58
C GLY A 42 10.89 51.67 -7.22
N LYS A 43 9.82 51.17 -6.62
CA LYS A 43 9.35 51.60 -5.30
C LYS A 43 9.95 50.77 -4.13
N THR A 44 10.30 51.45 -3.05
CA THR A 44 10.64 50.88 -1.74
C THR A 44 9.39 50.24 -1.07
N ARG A 45 9.48 48.96 -0.68
CA ARG A 45 8.52 48.32 0.23
C ARG A 45 9.20 47.58 1.40
N THR A 46 8.43 47.26 2.43
CA THR A 46 8.98 46.49 3.54
C THR A 46 8.26 45.12 3.70
N TRP A 47 8.90 44.24 4.39
CA TRP A 47 8.40 42.87 4.62
C TRP A 47 8.89 42.47 6.00
N GLU A 48 8.04 41.89 6.80
CA GLU A 48 8.45 41.24 8.03
C GLU A 48 8.98 39.82 7.77
N SER A 49 10.26 39.62 8.10
CA SER A 49 11.00 38.38 7.85
C SER A 49 11.40 37.65 9.11
N VAL A 50 11.34 36.31 9.03
CA VAL A 50 11.86 35.45 10.07
C VAL A 50 13.21 34.84 9.70
N LYS A 51 14.13 34.82 10.64
CA LYS A 51 15.37 34.15 10.49
C LYS A 51 15.79 33.37 11.70
N ARG A 52 16.61 32.35 11.52
CA ARG A 52 17.18 31.68 12.67
C ARG A 52 18.40 32.46 13.14
N THR A 53 18.78 32.31 14.40
CA THR A 53 20.03 32.93 14.90
C THR A 53 21.31 32.01 14.79
N THR A 54 21.10 30.78 14.37
CA THR A 54 22.09 29.72 14.41
C THR A 54 22.92 29.57 13.12
N ARG A 55 22.58 30.28 12.06
CA ARG A 55 23.21 30.06 10.75
C ARG A 55 24.52 30.79 10.65
N LYS A 56 25.58 30.08 10.27
CA LYS A 56 26.93 30.65 10.27
C LYS A 56 27.43 30.63 8.83
N GLU A 57 28.43 29.79 8.54
CA GLU A 57 28.93 29.59 7.13
C GLU A 57 28.21 28.44 6.38
N GLN A 58 27.22 27.78 6.98
CA GLN A 58 26.60 26.65 6.31
C GLN A 58 25.95 27.18 5.05
N THR A 59 25.95 26.32 4.06
CA THR A 59 25.16 26.55 2.86
C THR A 59 23.66 26.51 3.14
N ALA A 60 23.27 26.05 4.32
CA ALA A 60 21.84 25.95 4.66
C ALA A 60 21.77 25.82 6.15
N ASP A 61 20.60 26.08 6.72
CA ASP A 61 20.39 25.87 8.16
C ASP A 61 20.52 24.41 8.58
N GLY A 62 19.96 23.53 7.76
CA GLY A 62 19.69 22.20 8.14
C GLY A 62 19.67 21.23 6.96
N VAL A 63 19.31 20.00 7.30
CA VAL A 63 19.09 18.95 6.33
C VAL A 63 17.79 18.24 6.71
N ALA A 64 17.15 17.69 5.69
CA ALA A 64 16.13 16.65 5.82
C ALA A 64 16.64 15.41 5.01
N VAL A 65 16.39 14.23 5.54
CA VAL A 65 16.84 13.02 4.97
C VAL A 65 15.65 12.22 4.40
N ILE A 66 15.73 11.87 3.12
CA ILE A 66 14.82 10.92 2.55
C ILE A 66 15.48 9.54 2.66
N PRO A 67 15.05 8.71 3.64
CA PRO A 67 15.78 7.50 3.91
C PRO A 67 15.00 6.30 3.36
N VAL A 68 15.58 5.65 2.37
CA VAL A 68 14.93 4.52 1.62
C VAL A 68 15.50 3.22 2.19
N LEU A 69 14.68 2.55 2.99
CA LEU A 69 15.05 1.34 3.64
C LEU A 69 14.85 0.22 2.69
N GLN A 70 15.95 -0.48 2.37
CA GLN A 70 15.97 -1.52 1.31
C GLN A 70 16.32 -2.85 1.95
N ARG A 71 15.56 -3.90 1.66
CA ARG A 71 15.76 -5.22 2.24
C ARG A 71 15.29 -6.25 1.29
N THR A 72 16.04 -7.36 1.20
CA THR A 72 15.73 -8.37 0.20
C THR A 72 14.33 -8.96 0.53
N LEU A 73 13.54 -9.14 -0.48
CA LEU A 73 12.16 -9.72 -0.33
C LEU A 73 11.22 -8.85 0.54
N HIS A 74 11.57 -7.56 0.63
CA HIS A 74 10.66 -6.53 1.17
C HIS A 74 10.47 -5.42 0.14
N TYR A 75 9.27 -4.82 0.17
CA TYR A 75 9.06 -3.63 -0.55
C TYR A 75 9.92 -2.50 0.11
N GLU A 76 10.40 -1.56 -0.67
CA GLU A 76 11.24 -0.44 -0.08
C GLU A 76 10.34 0.40 0.80
N CYS A 77 10.88 0.85 1.95
CA CYS A 77 10.15 1.71 2.86
C CYS A 77 10.78 3.06 2.92
N ILE A 78 9.96 4.07 3.22
CA ILE A 78 10.45 5.43 3.51
C ILE A 78 10.42 5.51 5.02
N VAL A 79 11.55 5.86 5.62
CA VAL A 79 11.62 5.95 7.08
C VAL A 79 11.30 7.41 7.52
N LEU A 80 10.37 7.54 8.44
CA LEU A 80 9.82 8.82 8.88
C LEU A 80 9.88 8.85 10.39
N VAL A 81 9.84 10.06 10.93
CA VAL A 81 9.85 10.23 12.39
C VAL A 81 8.64 11.00 12.84
N LYS A 82 8.17 10.70 14.05
CA LYS A 82 7.02 11.39 14.69
C LYS A 82 7.51 12.03 15.97
N GLN A 83 7.27 13.33 16.15
CA GLN A 83 7.77 14.09 17.30
C GLN A 83 6.75 15.09 17.69
N PHE A 84 6.78 15.50 18.96
CA PHE A 84 5.99 16.67 19.41
C PHE A 84 6.70 17.92 18.92
N ARG A 85 5.95 18.82 18.34
CA ARG A 85 6.46 20.06 17.83
C ARG A 85 5.77 21.20 18.56
N PRO A 86 6.51 21.85 19.50
CA PRO A 86 5.85 22.92 20.26
C PRO A 86 5.14 24.00 19.41
N PRO A 87 5.72 24.46 18.25
CA PRO A 87 5.01 25.48 17.47
C PRO A 87 3.62 25.05 17.00
N MET A 88 3.48 23.75 16.73
CA MET A 88 2.26 23.16 16.27
C MET A 88 1.29 22.78 17.36
N GLY A 89 1.74 22.70 18.63
CA GLY A 89 0.92 22.10 19.70
C GLY A 89 0.48 20.68 19.44
N GLY A 90 1.37 19.85 18.85
CA GLY A 90 1.00 18.47 18.51
C GLY A 90 2.14 17.72 17.85
N TYR A 91 1.82 16.47 17.51
CA TYR A 91 2.72 15.51 16.90
C TYR A 91 2.72 15.69 15.38
N CYS A 92 3.91 15.56 14.80
CA CYS A 92 4.02 15.76 13.39
C CYS A 92 4.79 14.61 12.84
N ILE A 93 4.49 14.25 11.57
CA ILE A 93 5.24 13.17 10.92
C ILE A 93 6.08 13.80 9.80
N GLU A 94 7.39 13.58 9.84
CA GLU A 94 8.37 14.32 9.06
C GLU A 94 9.56 13.40 8.64
N PHE A 95 10.29 13.81 7.61
CA PHE A 95 11.59 13.23 7.28
C PHE A 95 12.51 13.51 8.47
N PRO A 96 13.37 12.55 8.86
CA PRO A 96 14.41 12.85 9.83
C PRO A 96 15.18 14.10 9.38
N ALA A 97 15.52 14.96 10.33
CA ALA A 97 15.99 16.32 9.98
C ALA A 97 16.62 16.95 11.19
N GLY A 98 17.61 17.83 10.92
CA GLY A 98 18.18 18.69 11.99
C GLY A 98 19.13 19.72 11.39
N LEU A 99 19.59 20.59 12.25
CA LEU A 99 20.49 21.66 11.83
C LEU A 99 21.87 21.08 11.44
N ILE A 100 22.57 21.77 10.55
CA ILE A 100 23.93 21.36 10.20
C ILE A 100 24.85 21.97 11.24
N ASP A 101 25.71 21.17 11.89
CA ASP A 101 26.64 21.77 12.91
C ASP A 101 27.69 22.63 12.20
N ASP A 102 28.25 23.63 12.88
CA ASP A 102 29.31 24.46 12.26
C ASP A 102 30.44 23.55 11.74
N GLY A 103 30.85 23.70 10.48
CA GLY A 103 31.95 22.97 9.89
C GLY A 103 31.58 21.60 9.39
N GLU A 104 30.31 21.22 9.52
CA GLU A 104 29.88 19.90 9.18
C GLU A 104 29.38 20.01 7.73
N THR A 105 29.54 18.95 6.99
CA THR A 105 28.99 18.88 5.66
C THR A 105 27.45 18.51 5.71
N PRO A 106 26.69 18.88 4.68
CA PRO A 106 25.27 18.44 4.64
C PRO A 106 25.14 16.93 4.68
N GLU A 107 25.95 16.22 3.89
CA GLU A 107 25.95 14.75 3.92
C GLU A 107 26.24 14.15 5.29
N ALA A 108 27.24 14.68 5.97
CA ALA A 108 27.59 14.21 7.33
C ALA A 108 26.43 14.48 8.30
N ALA A 109 25.87 15.72 8.21
CA ALA A 109 24.78 16.12 9.06
C ALA A 109 23.60 15.18 8.79
N ALA A 110 23.27 14.90 7.53
CA ALA A 110 22.19 13.94 7.20
C ALA A 110 22.35 12.57 7.79
N LEU A 111 23.52 11.98 7.54
CA LEU A 111 23.84 10.67 8.09
C LEU A 111 23.80 10.66 9.59
N ARG A 112 24.31 11.73 10.21
CA ARG A 112 24.32 11.77 11.68
C ARG A 112 22.88 11.92 12.24
N GLU A 113 22.14 12.86 11.71
CA GLU A 113 20.73 13.05 12.16
C GLU A 113 19.86 11.78 11.93
N LEU A 114 19.99 11.14 10.78
CA LEU A 114 19.35 9.85 10.56
C LEU A 114 19.66 8.82 11.67
N GLU A 115 20.95 8.68 12.02
CA GLU A 115 21.29 7.65 12.97
C GLU A 115 20.76 8.07 14.31
N GLU A 116 20.95 9.33 14.69
CA GLU A 116 20.44 9.82 15.99
C GLU A 116 18.94 9.64 16.14
N GLU A 117 18.19 9.94 15.09
CA GLU A 117 16.70 9.97 15.17
C GLU A 117 16.03 8.59 14.96
N THR A 118 16.71 7.71 14.24
CA THR A 118 16.16 6.39 13.87
C THR A 118 16.94 5.18 14.27
N GLY A 119 18.22 5.32 14.59
CA GLY A 119 19.11 4.18 14.70
C GLY A 119 19.75 3.66 13.42
N TYR A 120 19.22 3.98 12.23
CA TYR A 120 19.76 3.46 11.02
C TYR A 120 21.05 4.18 10.58
N LYS A 121 21.93 3.35 10.01
CA LYS A 121 23.12 3.78 9.32
C LYS A 121 22.92 3.71 7.84
N GLY A 122 22.85 4.86 7.24
CA GLY A 122 22.53 4.94 5.84
C GLY A 122 23.77 5.06 5.00
N ASP A 123 23.53 5.11 3.71
CA ASP A 123 24.57 5.45 2.68
C ASP A 123 24.04 6.57 1.83
N ILE A 124 24.89 7.55 1.59
CA ILE A 124 24.56 8.66 0.74
C ILE A 124 24.18 8.21 -0.67
N ALA A 125 23.07 8.74 -1.17
CA ALA A 125 22.71 8.62 -2.58
C ALA A 125 22.84 9.87 -3.31
N GLU A 126 22.20 10.95 -2.82
CA GLU A 126 22.27 12.26 -3.48
C GLU A 126 21.99 13.34 -2.50
N CYS A 127 22.36 14.53 -2.90
CA CYS A 127 22.27 15.73 -2.05
C CYS A 127 21.85 16.91 -2.85
N SER A 128 20.74 17.53 -2.41
CA SER A 128 20.15 18.64 -3.14
C SER A 128 20.99 19.90 -2.96
N PRO A 129 20.81 20.89 -3.80
CA PRO A 129 21.26 22.24 -3.39
C PRO A 129 20.38 22.75 -2.24
N ALA A 130 20.77 23.85 -1.65
CA ALA A 130 19.98 24.50 -0.61
C ALA A 130 18.61 24.87 -1.17
N VAL A 131 17.57 24.37 -0.53
CA VAL A 131 16.19 24.67 -0.91
C VAL A 131 15.43 25.38 0.24
N CYS A 132 14.44 26.20 -0.07
CA CYS A 132 13.78 27.06 0.91
C CYS A 132 12.58 26.40 1.53
N MET A 133 12.45 26.60 2.83
CA MET A 133 11.37 26.03 3.60
C MET A 133 10.05 26.75 3.45
N ASP A 134 10.05 28.08 3.47
CA ASP A 134 8.82 28.83 3.46
C ASP A 134 9.19 30.25 3.15
N PRO A 135 9.45 30.54 1.87
CA PRO A 135 10.31 31.71 1.54
C PRO A 135 9.55 33.02 1.65
N GLY A 136 8.21 32.97 1.69
CA GLY A 136 7.40 34.15 2.07
C GLY A 136 7.48 34.50 3.54
N LEU A 137 7.84 33.54 4.38
CA LEU A 137 7.89 33.70 5.83
C LEU A 137 9.34 33.94 6.30
N SER A 138 10.25 33.09 5.85
CA SER A 138 11.59 32.99 6.42
C SER A 138 12.70 32.79 5.42
N ASN A 139 13.93 32.89 5.92
CA ASN A 139 15.08 32.60 5.05
C ASN A 139 15.54 31.16 5.22
N CYS A 140 14.81 30.31 5.96
CA CYS A 140 15.33 29.00 6.29
C CYS A 140 15.48 28.13 5.07
N THR A 141 16.63 27.48 5.01
CA THR A 141 16.94 26.58 3.91
C THR A 141 17.47 25.27 4.49
N ILE A 142 17.34 24.22 3.68
CA ILE A 142 17.94 22.92 3.93
C ILE A 142 18.53 22.34 2.70
N HIS A 143 19.34 21.30 2.91
CA HIS A 143 19.66 20.35 1.85
C HIS A 143 18.80 19.12 2.10
N ILE A 144 18.21 18.62 1.04
CA ILE A 144 17.45 17.38 1.07
C ILE A 144 18.40 16.29 0.59
N VAL A 145 18.71 15.37 1.51
CA VAL A 145 19.70 14.32 1.30
C VAL A 145 19.01 13.00 1.22
N THR A 146 19.11 12.40 0.04
CA THR A 146 18.57 11.03 -0.17
C THR A 146 19.66 10.04 0.25
N VAL A 147 19.30 9.07 1.08
CA VAL A 147 20.18 8.09 1.68
C VAL A 147 19.48 6.73 1.51
N THR A 148 20.22 5.70 1.13
CA THR A 148 19.69 4.32 1.20
C THR A 148 20.15 3.66 2.49
N ILE A 149 19.28 2.83 3.07
CA ILE A 149 19.58 2.08 4.23
C ILE A 149 19.59 0.59 3.80
N ASN A 150 20.74 -0.07 4.02
CA ASN A 150 20.81 -1.52 3.79
C ASN A 150 20.20 -2.19 5.00
N GLY A 151 18.90 -2.55 4.92
CA GLY A 151 18.27 -3.22 6.06
C GLY A 151 18.70 -4.69 6.23
N ASP A 152 19.43 -5.24 5.27
CA ASP A 152 20.03 -6.60 5.48
C ASP A 152 21.33 -6.54 6.33
N ASP A 153 21.94 -5.37 6.47
CA ASP A 153 23.19 -5.29 7.21
C ASP A 153 22.88 -5.43 8.70
N ALA A 154 23.71 -6.18 9.42
CA ALA A 154 23.52 -6.42 10.87
C ALA A 154 23.46 -5.12 11.70
N GLU A 155 24.23 -4.11 11.28
CA GLU A 155 24.17 -2.77 11.91
C GLU A 155 22.74 -2.16 11.95
N ASN A 156 21.86 -2.59 11.05
CA ASN A 156 20.56 -1.99 10.83
C ASN A 156 19.44 -2.94 11.17
N ALA A 157 19.78 -3.95 12.01
CA ALA A 157 18.92 -5.10 12.31
C ALA A 157 17.95 -4.73 13.40
N ARG A 158 18.46 -4.17 14.50
CA ARG A 158 17.62 -3.79 15.63
C ARG A 158 17.99 -2.35 16.08
N PRO A 159 17.79 -1.34 15.17
CA PRO A 159 18.28 0.03 15.32
C PRO A 159 17.57 0.77 16.49
N LYS A 160 18.34 1.47 17.34
CA LYS A 160 17.81 2.23 18.48
C LYS A 160 18.14 3.72 18.27
N PRO A 161 17.10 4.59 18.21
CA PRO A 161 17.37 6.05 18.30
C PRO A 161 18.35 6.43 19.45
N LYS A 162 19.33 7.30 19.18
CA LYS A 162 20.11 7.99 20.23
C LYS A 162 19.75 9.46 20.18
N PRO A 163 18.52 9.80 20.61
CA PRO A 163 18.12 11.21 20.57
C PRO A 163 18.94 12.05 21.57
N GLY A 164 19.20 13.31 21.24
CA GLY A 164 19.88 14.24 22.15
C GLY A 164 19.04 14.66 23.36
N ASP A 165 19.53 15.65 24.10
CA ASP A 165 18.80 16.25 25.23
C ASP A 165 17.51 16.94 24.70
N GLY A 166 16.36 16.64 25.30
CA GLY A 166 15.08 17.23 24.85
C GLY A 166 14.55 16.76 23.47
N GLU A 167 15.06 15.62 22.98
CA GLU A 167 14.65 15.02 21.71
C GLU A 167 13.93 13.73 22.02
N PHE A 168 12.78 13.49 21.37
CA PHE A 168 11.90 12.36 21.70
C PHE A 168 11.15 11.87 20.46
N VAL A 169 11.71 10.86 19.80
CA VAL A 169 11.37 10.54 18.45
C VAL A 169 10.84 9.12 18.34
N GLU A 170 9.76 8.95 17.59
CA GLU A 170 9.21 7.66 17.21
C GLU A 170 9.50 7.45 15.72
N VAL A 171 9.94 6.24 15.34
CA VAL A 171 10.24 5.89 13.96
C VAL A 171 9.05 5.21 13.34
N ILE A 172 8.69 5.64 12.12
CA ILE A 172 7.60 5.07 11.35
C ILE A 172 8.07 4.81 9.95
N SER A 173 8.12 3.54 9.58
CA SER A 173 8.56 3.10 8.25
C SER A 173 7.38 2.65 7.42
N LEU A 174 7.17 3.30 6.29
CA LEU A 174 5.99 3.03 5.43
C LEU A 174 6.43 2.64 4.04
N PRO A 175 5.72 1.64 3.39
CA PRO A 175 6.09 1.25 2.05
C PRO A 175 5.98 2.38 1.09
N LYS A 176 7.05 2.56 0.30
CA LYS A 176 7.09 3.54 -0.74
C LYS A 176 5.93 3.42 -1.75
N ASN A 177 5.60 2.16 -2.06
CA ASN A 177 4.56 1.87 -3.06
C ASN A 177 3.16 2.20 -2.54
N ASP A 178 2.98 2.56 -1.28
CA ASP A 178 1.59 2.95 -0.80
C ASP A 178 1.66 4.13 0.14
N LEU A 179 2.65 5.03 -0.07
CA LEU A 179 2.99 5.98 0.97
C LEU A 179 1.80 6.93 1.32
N LEU A 180 1.21 7.49 0.28
CA LEU A 180 0.13 8.45 0.45
C LEU A 180 -1.04 7.82 1.18
N GLN A 181 -1.42 6.58 0.84
CA GLN A 181 -2.55 5.98 1.54
C GLN A 181 -2.21 5.66 2.96
N ARG A 182 -0.96 5.29 3.21
CA ARG A 182 -0.58 5.00 4.58
C ARG A 182 -0.53 6.21 5.51
N LEU A 183 -0.05 7.33 4.95
CA LEU A 183 -0.07 8.63 5.62
C LEU A 183 -1.53 9.05 5.87
N ASP A 184 -2.35 8.93 4.84
CA ASP A 184 -3.83 9.21 5.02
C ASP A 184 -4.41 8.34 6.12
N ALA A 185 -4.06 7.07 6.20
CA ALA A 185 -4.61 6.23 7.28
C ALA A 185 -4.12 6.63 8.69
N LEU A 186 -2.86 7.08 8.80
CA LEU A 186 -2.39 7.62 10.06
C LEU A 186 -3.06 8.90 10.48
N VAL A 187 -3.26 9.80 9.54
CA VAL A 187 -4.03 11.03 9.80
C VAL A 187 -5.48 10.73 10.25
N ALA A 188 -6.11 9.74 9.63
CA ALA A 188 -7.50 9.41 9.89
C ALA A 188 -7.71 8.67 11.23
N GLU A 189 -6.63 8.18 11.84
CA GLU A 189 -6.71 7.39 13.07
C GLU A 189 -6.04 8.04 14.29
N GLU A 190 -5.56 9.28 14.13
CA GLU A 190 -5.00 10.03 15.29
C GLU A 190 -4.92 11.53 15.02
N HIS A 191 -4.70 12.29 16.09
CA HIS A 191 -4.47 13.74 16.00
C HIS A 191 -3.02 14.01 15.67
N LEU A 192 -2.75 14.44 14.45
CA LEU A 192 -1.39 14.68 14.04
C LEU A 192 -1.35 15.32 12.67
N THR A 193 -0.18 15.79 12.31
CA THR A 193 0.02 16.52 11.08
C THR A 193 1.18 15.92 10.25
N VAL A 194 0.94 15.73 8.98
CA VAL A 194 1.99 15.31 8.11
C VAL A 194 2.73 16.56 7.60
N ASP A 195 4.04 16.48 7.52
CA ASP A 195 4.84 17.54 6.92
C ASP A 195 4.58 17.71 5.44
N ALA A 196 4.63 18.96 5.00
CA ALA A 196 4.38 19.27 3.60
C ALA A 196 5.36 18.67 2.58
N ARG A 197 6.60 18.50 3.00
CA ARG A 197 7.62 17.82 2.16
C ARG A 197 7.31 16.33 2.03
N VAL A 198 7.00 15.71 3.13
CA VAL A 198 6.60 14.31 3.11
C VAL A 198 5.37 14.12 2.24
N TYR A 199 4.42 15.05 2.34
CA TYR A 199 3.17 14.89 1.60
C TYR A 199 3.42 15.10 0.12
N SER A 200 4.24 16.09 -0.19
CA SER A 200 4.61 16.34 -1.56
C SER A 200 5.31 15.14 -2.22
N TYR A 201 6.23 14.57 -1.48
CA TYR A 201 6.94 13.35 -1.95
C TYR A 201 5.94 12.15 -2.17
N ALA A 202 5.09 11.86 -1.19
CA ALA A 202 4.00 10.88 -1.35
C ALA A 202 3.02 11.12 -2.53
N LEU A 203 2.60 12.35 -2.76
CA LEU A 203 1.81 12.70 -3.95
C LEU A 203 2.55 12.43 -5.28
N ALA A 204 3.81 12.85 -5.41
CA ALA A 204 4.57 12.53 -6.64
C ALA A 204 4.76 11.00 -6.84
N LEU A 205 4.91 10.21 -5.78
CA LEU A 205 4.99 8.77 -5.92
C LEU A 205 3.69 8.28 -6.60
N LYS A 206 2.54 8.80 -6.14
CA LYS A 206 1.24 8.45 -6.74
C LYS A 206 1.16 8.92 -8.14
N HIS A 207 1.51 10.19 -8.38
CA HIS A 207 1.36 10.77 -9.69
C HIS A 207 2.27 10.13 -10.73
N ALA A 208 3.42 9.58 -10.28
CA ALA A 208 4.31 8.93 -11.23
C ALA A 208 3.62 7.58 -11.58
N LYS B 15 1.36 12.47 25.70
CA LYS B 15 2.46 12.53 26.72
C LYS B 15 3.10 13.92 26.76
N GLN B 16 3.17 14.61 25.62
CA GLN B 16 3.66 16.01 25.61
C GLN B 16 2.53 16.93 25.25
N TYR B 17 2.57 18.16 25.75
CA TYR B 17 1.53 19.14 25.47
C TYR B 17 1.95 20.55 25.86
N ILE B 18 1.16 21.50 25.35
CA ILE B 18 1.36 22.94 25.56
C ILE B 18 0.82 23.32 26.96
N ILE B 19 1.64 24.00 27.76
CA ILE B 19 1.19 24.53 29.05
C ILE B 19 0.75 25.96 28.83
N SER B 20 1.61 26.78 28.21
CA SER B 20 1.32 28.19 28.02
C SER B 20 2.11 28.79 26.89
N GLU B 21 1.68 29.97 26.47
CA GLU B 21 2.32 30.71 25.42
C GLU B 21 2.51 32.12 25.86
N GLU B 22 3.70 32.64 25.68
CA GLU B 22 4.01 34.04 25.94
C GLU B 22 4.32 34.80 24.65
N LEU B 23 3.55 35.85 24.38
CA LEU B 23 3.85 36.73 23.25
C LEU B 23 5.23 37.44 23.39
N ILE B 24 6.12 37.32 22.42
CA ILE B 24 7.41 38.03 22.54
C ILE B 24 7.36 39.30 21.71
N SER B 25 6.80 39.23 20.51
CA SER B 25 6.83 40.36 19.59
C SER B 25 5.77 40.14 18.52
N GLU B 26 4.88 41.12 18.32
CA GLU B 26 3.76 41.02 17.36
C GLU B 26 3.93 42.03 16.28
N GLY B 27 4.08 41.52 15.05
CA GLY B 27 4.12 42.37 13.85
C GLY B 27 2.73 42.50 13.26
N LYS B 28 2.67 43.15 12.13
CA LYS B 28 1.46 43.16 11.36
C LYS B 28 1.09 41.76 10.81
N TRP B 29 2.11 41.01 10.36
CA TRP B 29 1.92 39.75 9.65
C TRP B 29 2.39 38.49 10.40
N VAL B 30 3.33 38.66 11.32
CA VAL B 30 4.00 37.54 11.98
C VAL B 30 4.26 37.96 13.39
N LYS B 31 4.20 37.00 14.31
CA LYS B 31 4.60 37.11 15.69
C LYS B 31 5.59 36.05 16.12
N LEU B 32 6.40 36.42 17.09
CA LEU B 32 7.31 35.52 17.74
C LEU B 32 6.80 35.23 19.12
N GLU B 33 6.72 33.95 19.48
CA GLU B 33 6.16 33.49 20.77
C GLU B 33 7.12 32.55 21.44
N LYS B 34 6.96 32.35 22.74
CA LYS B 34 7.75 31.41 23.47
C LYS B 34 6.75 30.49 24.13
N THR B 35 6.83 29.22 23.77
CA THR B 35 5.88 28.21 24.17
C THR B 35 6.48 27.42 25.28
N THR B 36 5.75 27.35 26.39
CA THR B 36 6.11 26.41 27.44
C THR B 36 5.33 25.08 27.24
N TYR B 37 6.05 23.97 27.34
CA TYR B 37 5.48 22.61 27.13
C TYR B 37 6.10 21.61 28.10
N MET B 38 5.39 20.52 28.25
CA MET B 38 5.77 19.44 29.13
C MET B 38 6.46 18.40 28.26
N ASP B 39 7.70 18.10 28.58
CA ASP B 39 8.48 17.15 27.80
C ASP B 39 8.07 15.76 28.36
N PRO B 40 8.41 14.68 27.67
CA PRO B 40 7.80 13.40 28.07
C PRO B 40 8.34 12.79 29.38
N THR B 41 9.49 13.27 29.86
CA THR B 41 9.99 13.01 31.23
C THR B 41 9.28 13.74 32.39
N GLY B 42 8.25 14.55 32.13
CA GLY B 42 7.63 15.41 33.19
C GLY B 42 8.36 16.74 33.48
N LYS B 43 9.35 17.09 32.66
CA LYS B 43 10.11 18.34 32.74
C LYS B 43 9.50 19.45 31.84
N THR B 44 9.46 20.66 32.37
CA THR B 44 8.90 21.82 31.70
C THR B 44 10.00 22.46 30.84
N ARG B 45 9.67 22.78 29.59
CA ARG B 45 10.66 23.33 28.62
C ARG B 45 10.03 24.43 27.84
N THR B 46 10.88 25.23 27.19
CA THR B 46 10.44 26.33 26.39
C THR B 46 10.95 26.23 24.95
N TRP B 47 10.15 26.76 24.04
CA TRP B 47 10.46 26.74 22.60
C TRP B 47 10.05 28.08 21.98
N GLU B 48 10.97 28.70 21.27
CA GLU B 48 10.65 29.91 20.50
C GLU B 48 10.00 29.46 19.16
N SER B 49 8.80 29.99 18.90
CA SER B 49 7.90 29.63 17.79
C SER B 49 7.47 30.93 17.07
N VAL B 50 7.25 30.84 15.78
CA VAL B 50 6.66 31.88 14.97
C VAL B 50 5.26 31.48 14.52
N LYS B 51 4.36 32.47 14.47
CA LYS B 51 2.99 32.26 13.96
C LYS B 51 2.63 33.42 13.09
N ARG B 52 1.80 33.16 12.08
CA ARG B 52 1.17 34.21 11.31
C ARG B 52 0.07 34.87 12.14
N THR B 53 -0.15 36.17 11.93
CA THR B 53 -1.26 36.88 12.61
C THR B 53 -2.62 36.75 11.84
N THR B 54 -2.61 36.07 10.69
CA THR B 54 -3.69 36.10 9.71
C THR B 54 -4.61 34.82 9.70
N ARG B 55 -4.37 33.80 10.50
CA ARG B 55 -5.20 32.59 10.39
C ARG B 55 -6.52 32.76 11.14
N LYS B 56 -7.63 32.21 10.62
CA LYS B 56 -9.01 32.37 11.20
C LYS B 56 -9.46 31.25 12.15
N GLN B 58 -9.65 29.42 9.49
CA GLN B 58 -9.49 28.53 8.34
C GLN B 58 -8.92 27.15 8.72
N THR B 59 -8.97 26.25 7.74
CA THR B 59 -8.32 24.90 7.80
C THR B 59 -6.78 24.96 7.94
N ALA B 60 -6.20 26.11 7.63
CA ALA B 60 -4.80 26.19 7.31
C ALA B 60 -4.56 27.62 6.90
N ASP B 61 -3.31 28.05 6.98
CA ASP B 61 -2.98 29.41 6.58
C ASP B 61 -3.17 29.65 5.09
N GLY B 62 -2.82 28.64 4.29
CA GLY B 62 -2.62 28.82 2.85
C GLY B 62 -2.88 27.54 2.07
N VAL B 63 -2.76 27.67 0.75
CA VAL B 63 -2.74 26.58 -0.18
C VAL B 63 -1.47 26.69 -1.03
N ALA B 64 -0.99 25.55 -1.48
CA ALA B 64 -0.01 25.48 -2.58
C ALA B 64 -0.66 24.57 -3.64
N VAL B 65 -0.50 24.93 -4.90
CA VAL B 65 -1.11 24.24 -5.98
C VAL B 65 -0.03 23.50 -6.77
N ILE B 66 -0.25 22.24 -6.98
CA ILE B 66 0.49 21.45 -7.92
C ILE B 66 -0.32 21.48 -9.26
N PRO B 67 0.11 22.34 -10.24
CA PRO B 67 -0.64 22.54 -11.48
C PRO B 67 0.00 21.76 -12.61
N VAL B 68 -0.72 20.73 -13.05
CA VAL B 68 -0.32 19.79 -14.03
C VAL B 68 -0.95 20.24 -15.36
N LEU B 69 -0.10 20.80 -16.23
CA LEU B 69 -0.51 21.37 -17.52
C LEU B 69 -0.48 20.32 -18.56
N GLN B 70 -1.68 19.91 -18.98
CA GLN B 70 -1.86 18.84 -19.96
C GLN B 70 -2.21 19.40 -21.35
N ARG B 71 -1.33 19.25 -22.32
CA ARG B 71 -1.55 19.61 -23.70
C ARG B 71 -1.29 18.38 -24.56
N THR B 72 -2.22 18.08 -25.44
CA THR B 72 -1.99 16.93 -26.29
C THR B 72 -0.75 17.07 -27.21
N LEU B 73 -0.06 15.93 -27.41
CA LEU B 73 1.19 15.81 -28.18
C LEU B 73 2.34 16.60 -27.57
N HIS B 74 2.22 16.88 -26.29
CA HIS B 74 3.26 17.57 -25.52
C HIS B 74 3.55 16.83 -24.28
N TYR B 75 4.76 17.02 -23.72
CA TYR B 75 4.99 16.53 -22.38
C TYR B 75 4.07 17.21 -21.37
N GLU B 76 3.55 16.48 -20.41
CA GLU B 76 2.86 17.13 -19.27
C GLU B 76 3.87 17.99 -18.55
N CYS B 77 3.44 19.20 -18.17
CA CYS B 77 4.28 20.16 -17.44
C CYS B 77 3.73 20.42 -16.04
N ILE B 78 4.66 20.75 -15.14
CA ILE B 78 4.34 21.28 -13.86
C ILE B 78 4.60 22.77 -13.98
N VAL B 79 3.60 23.53 -13.58
CA VAL B 79 3.62 24.99 -13.67
C VAL B 79 4.09 25.59 -12.34
N LEU B 80 5.14 26.39 -12.40
CA LEU B 80 5.79 26.95 -11.22
C LEU B 80 5.93 28.42 -11.39
N VAL B 81 6.20 29.11 -10.31
CA VAL B 81 6.27 30.55 -10.34
C VAL B 81 7.58 31.02 -9.76
N LYS B 82 8.13 32.08 -10.32
CA LYS B 82 9.37 32.66 -9.85
C LYS B 82 9.03 34.08 -9.35
N GLN B 83 9.48 34.40 -8.14
CA GLN B 83 9.22 35.70 -7.51
C GLN B 83 10.37 36.03 -6.57
N PHE B 84 10.57 37.32 -6.32
CA PHE B 84 11.55 37.79 -5.33
C PHE B 84 10.91 37.53 -3.96
N ARG B 85 11.66 36.95 -3.04
CA ARG B 85 11.14 36.72 -1.69
C ARG B 85 12.00 37.49 -0.72
N PRO B 86 11.44 38.52 -0.08
CA PRO B 86 12.29 39.36 0.79
C PRO B 86 13.01 38.66 1.93
N PRO B 87 12.35 37.70 2.62
CA PRO B 87 13.09 36.93 3.61
C PRO B 87 14.34 36.21 3.06
N MET B 88 14.26 35.69 1.83
CA MET B 88 15.37 34.98 1.20
C MET B 88 16.43 35.92 0.64
N GLY B 89 16.07 37.16 0.35
CA GLY B 89 16.98 38.10 -0.25
C GLY B 89 17.24 37.76 -1.70
N GLY B 90 16.34 37.02 -2.34
CA GLY B 90 16.60 36.48 -3.66
C GLY B 90 15.34 35.95 -4.33
N TYR B 91 15.49 35.52 -5.57
CA TYR B 91 14.39 34.88 -6.34
C TYR B 91 14.23 33.37 -6.01
N CYS B 92 12.98 32.88 -5.89
CA CYS B 92 12.63 31.52 -5.57
C CYS B 92 11.72 30.92 -6.62
N ILE B 93 11.83 29.63 -6.86
CA ILE B 93 10.92 28.92 -7.75
C ILE B 93 10.01 28.06 -6.85
N GLU B 94 8.69 28.18 -7.02
CA GLU B 94 7.70 27.63 -6.07
C GLU B 94 6.46 27.19 -6.82
N PHE B 95 5.70 26.34 -6.14
CA PHE B 95 4.35 26.08 -6.61
C PHE B 95 3.55 27.35 -6.38
N PRO B 96 2.60 27.65 -7.25
CA PRO B 96 1.68 28.75 -6.95
C PRO B 96 0.97 28.53 -5.63
N ALA B 97 0.82 29.61 -4.88
CA ALA B 97 0.41 29.56 -3.51
C ALA B 97 0.01 30.94 -2.98
N GLY B 98 -0.90 30.93 -2.04
CA GLY B 98 -1.18 32.11 -1.24
C GLY B 98 -2.09 31.74 -0.06
N LEU B 99 -2.43 32.75 0.74
CA LEU B 99 -3.29 32.59 1.89
C LEU B 99 -4.71 32.32 1.43
N ILE B 100 -5.40 31.51 2.23
CA ILE B 100 -6.81 31.22 2.05
C ILE B 100 -7.60 32.44 2.63
N ASP B 101 -8.48 33.06 1.85
CA ASP B 101 -9.32 34.18 2.36
C ASP B 101 -10.33 33.65 3.41
N ASP B 102 -10.66 34.47 4.41
CA ASP B 102 -11.64 34.07 5.43
C ASP B 102 -12.94 33.68 4.73
N GLY B 103 -13.49 32.53 5.08
CA GLY B 103 -14.65 31.98 4.39
C GLY B 103 -14.41 31.34 3.02
N GLU B 104 -13.16 31.34 2.53
CA GLU B 104 -12.83 30.66 1.27
C GLU B 104 -12.52 29.20 1.57
N THR B 105 -13.00 28.28 0.75
CA THR B 105 -12.59 26.89 0.82
C THR B 105 -11.13 26.74 0.24
N PRO B 106 -10.40 25.67 0.64
CA PRO B 106 -9.02 25.48 0.07
C PRO B 106 -9.01 25.22 -1.43
N GLU B 107 -9.94 24.41 -1.92
CA GLU B 107 -10.16 24.28 -3.37
C GLU B 107 -10.33 25.60 -4.08
N ALA B 108 -11.12 26.50 -3.49
CA ALA B 108 -11.47 27.73 -4.21
C ALA B 108 -10.32 28.69 -4.10
N ALA B 109 -9.62 28.65 -2.94
CA ALA B 109 -8.40 29.42 -2.84
C ALA B 109 -7.34 29.00 -3.84
N ALA B 110 -7.34 27.72 -4.17
CA ALA B 110 -6.35 27.13 -5.13
C ALA B 110 -6.55 27.53 -6.56
N LEU B 111 -7.81 27.43 -7.01
CA LEU B 111 -8.12 27.96 -8.36
C LEU B 111 -7.92 29.46 -8.49
N ARG B 112 -8.27 30.21 -7.45
CA ARG B 112 -8.08 31.62 -7.46
C ARG B 112 -6.60 31.95 -7.56
N GLU B 113 -5.80 31.40 -6.61
CA GLU B 113 -4.36 31.69 -6.62
C GLU B 113 -3.68 31.27 -7.89
N LEU B 114 -4.02 30.09 -8.37
CA LEU B 114 -3.51 29.64 -9.66
C LEU B 114 -3.77 30.65 -10.80
N GLU B 115 -5.02 31.14 -10.87
CA GLU B 115 -5.38 32.12 -11.92
C GLU B 115 -4.69 33.41 -11.76
N GLU B 116 -4.63 33.94 -10.54
CA GLU B 116 -3.90 35.19 -10.30
C GLU B 116 -2.42 35.13 -10.60
N GLU B 117 -1.79 34.01 -10.24
CA GLU B 117 -0.33 33.94 -10.36
C GLU B 117 0.15 33.49 -11.73
N THR B 118 -0.66 32.69 -12.40
CA THR B 118 -0.26 32.12 -13.70
C THR B 118 -1.20 32.47 -14.86
N GLY B 119 -2.40 32.98 -14.58
CA GLY B 119 -3.43 33.08 -15.62
C GLY B 119 -4.15 31.79 -15.99
N TYR B 120 -3.73 30.60 -15.51
CA TYR B 120 -4.46 29.33 -15.83
C TYR B 120 -5.73 29.03 -15.03
N LYS B 121 -6.66 28.39 -15.73
CA LYS B 121 -7.95 27.98 -15.20
C LYS B 121 -7.92 26.51 -15.18
N GLY B 122 -8.01 25.98 -13.99
CA GLY B 122 -7.71 24.60 -13.74
C GLY B 122 -8.88 23.92 -13.11
N ASP B 123 -8.76 22.60 -13.00
CA ASP B 123 -9.73 21.75 -12.37
C ASP B 123 -9.12 21.05 -11.17
N ILE B 124 -9.84 21.04 -10.04
CA ILE B 124 -9.42 20.31 -8.84
C ILE B 124 -9.31 18.81 -9.10
N ALA B 125 -8.16 18.21 -8.77
CA ALA B 125 -8.01 16.76 -8.80
C ALA B 125 -8.12 16.13 -7.40
N GLU B 126 -7.35 16.65 -6.46
CA GLU B 126 -7.37 16.17 -5.11
C GLU B 126 -6.84 17.31 -4.23
N CYS B 127 -7.08 17.18 -2.92
CA CYS B 127 -6.75 18.21 -1.95
C CYS B 127 -6.24 17.49 -0.72
N SER B 128 -5.07 17.86 -0.24
CA SER B 128 -4.54 17.26 0.99
C SER B 128 -5.25 17.71 2.26
N PRO B 129 -5.12 16.95 3.36
CA PRO B 129 -5.32 17.59 4.66
C PRO B 129 -4.30 18.69 4.96
N ALA B 130 -4.53 19.38 6.05
CA ALA B 130 -3.61 20.48 6.40
C ALA B 130 -2.26 19.84 6.68
N VAL B 131 -1.21 20.36 6.06
CA VAL B 131 0.15 19.87 6.26
C VAL B 131 1.08 20.99 6.76
N CYS B 132 2.08 20.68 7.59
CA CYS B 132 2.91 21.72 8.16
C CYS B 132 4.10 22.16 7.29
N MET B 133 4.43 23.43 7.35
CA MET B 133 5.51 23.94 6.53
C MET B 133 6.89 23.77 7.15
N ASP B 134 7.04 24.09 8.43
CA ASP B 134 8.34 24.00 9.09
C ASP B 134 8.05 23.88 10.60
N PRO B 135 7.68 22.68 11.06
CA PRO B 135 6.97 22.61 12.35
C PRO B 135 7.87 22.87 13.57
N GLY B 136 9.19 22.80 13.36
CA GLY B 136 10.21 23.23 14.31
C GLY B 136 10.25 24.75 14.50
N LEU B 137 9.86 25.46 13.46
CA LEU B 137 9.95 26.92 13.46
C LEU B 137 8.64 27.63 13.68
N SER B 138 7.57 27.15 13.05
CA SER B 138 6.29 27.80 12.95
C SER B 138 5.14 26.85 13.09
N ASN B 139 3.96 27.41 13.19
CA ASN B 139 2.72 26.62 13.13
C ASN B 139 2.09 26.70 11.75
N CYS B 140 2.79 27.26 10.74
CA CYS B 140 2.17 27.42 9.43
C CYS B 140 1.79 26.12 8.77
N THR B 141 0.58 26.09 8.20
CA THR B 141 0.08 24.93 7.48
C THR B 141 -0.56 25.36 6.15
N ILE B 142 -0.61 24.40 5.22
CA ILE B 142 -1.24 24.57 3.94
C ILE B 142 -2.04 23.36 3.59
N HIS B 143 -2.93 23.53 2.61
CA HIS B 143 -3.43 22.37 1.87
C HIS B 143 -2.67 22.33 0.55
N ILE B 144 -2.16 21.18 0.16
CA ILE B 144 -1.61 21.02 -1.18
C ILE B 144 -2.76 20.53 -2.07
N VAL B 145 -3.01 21.26 -3.13
CA VAL B 145 -4.15 21.03 -4.01
C VAL B 145 -3.59 20.73 -5.39
N THR B 146 -3.80 19.48 -5.84
CA THR B 146 -3.39 19.06 -7.15
C THR B 146 -4.51 19.47 -8.10
N VAL B 147 -4.11 20.13 -9.16
CA VAL B 147 -5.03 20.70 -10.12
C VAL B 147 -4.50 20.31 -11.47
N THR B 148 -5.40 19.96 -12.39
CA THR B 148 -5.06 19.75 -13.79
C THR B 148 -5.49 20.96 -14.59
N ILE B 149 -4.70 21.31 -15.60
CA ILE B 149 -4.99 22.45 -16.51
C ILE B 149 -5.08 21.90 -17.94
N ASN B 150 -6.24 22.08 -18.56
CA ASN B 150 -6.44 21.64 -19.93
C ASN B 150 -5.87 22.71 -20.75
N GLY B 151 -4.62 22.54 -21.16
CA GLY B 151 -3.90 23.56 -21.93
C GLY B 151 -4.41 23.70 -23.38
N ASP B 152 -5.27 22.80 -23.81
CA ASP B 152 -5.90 22.85 -25.17
C ASP B 152 -7.25 23.63 -25.19
N ASP B 153 -7.77 24.04 -24.03
CA ASP B 153 -8.99 24.84 -23.94
C ASP B 153 -8.61 26.25 -24.27
N ALA B 154 -9.54 26.97 -24.90
CA ALA B 154 -9.27 28.32 -25.34
C ALA B 154 -9.07 29.27 -24.16
N GLU B 155 -9.67 28.97 -22.99
CA GLU B 155 -9.45 29.84 -21.82
C GLU B 155 -7.98 29.87 -21.32
N ASN B 156 -7.20 28.86 -21.71
CA ASN B 156 -5.82 28.68 -21.28
C ASN B 156 -4.89 28.85 -22.46
N ALA B 157 -5.41 29.40 -23.58
CA ALA B 157 -4.56 29.68 -24.75
C ALA B 157 -3.56 30.79 -24.46
N ARG B 158 -4.07 31.95 -24.04
CA ARG B 158 -3.20 33.12 -23.75
C ARG B 158 -3.40 33.48 -22.27
N PRO B 159 -2.84 32.67 -21.36
CA PRO B 159 -3.25 32.81 -19.94
C PRO B 159 -2.95 34.22 -19.37
N LYS B 160 -3.94 34.83 -18.73
CA LYS B 160 -3.85 36.22 -18.22
C LYS B 160 -3.52 36.33 -16.69
N PRO B 161 -2.21 36.40 -16.32
CA PRO B 161 -1.85 36.46 -14.86
C PRO B 161 -2.27 37.79 -14.20
N LYS B 162 -3.21 37.71 -13.24
CA LYS B 162 -3.77 38.90 -12.57
C LYS B 162 -3.26 39.08 -11.11
N PRO B 163 -1.99 39.56 -10.96
CA PRO B 163 -1.39 39.73 -9.64
C PRO B 163 -2.12 40.75 -8.77
N GLY B 164 -2.07 40.57 -7.46
CA GLY B 164 -2.48 41.63 -6.55
C GLY B 164 -1.48 42.77 -6.53
N ASP B 165 -1.80 43.79 -5.73
CA ASP B 165 -0.88 44.89 -5.45
C ASP B 165 0.38 44.33 -4.78
N GLY B 166 1.54 44.65 -5.34
CA GLY B 166 2.82 44.18 -4.77
C GLY B 166 3.27 42.75 -5.09
N GLU B 167 2.58 42.08 -6.02
CA GLU B 167 3.03 40.79 -6.54
C GLU B 167 3.61 40.98 -7.94
N PHE B 168 4.67 40.23 -8.22
CA PHE B 168 5.43 40.34 -9.47
C PHE B 168 5.99 38.94 -9.77
N VAL B 169 5.23 38.18 -10.55
CA VAL B 169 5.36 36.72 -10.63
C VAL B 169 5.68 36.30 -12.07
N GLU B 170 6.72 35.48 -12.27
CA GLU B 170 7.08 34.95 -13.58
C GLU B 170 6.72 33.46 -13.59
N VAL B 171 6.17 32.99 -14.70
CA VAL B 171 5.65 31.65 -14.79
C VAL B 171 6.73 30.81 -15.47
N ILE B 172 7.02 29.64 -14.90
CA ILE B 172 7.97 28.70 -15.49
C ILE B 172 7.32 27.31 -15.49
N SER B 173 7.05 26.78 -16.69
CA SER B 173 6.52 25.44 -16.87
C SER B 173 7.57 24.47 -17.23
N LEU B 174 7.68 23.39 -16.47
CA LEU B 174 8.67 22.41 -16.72
C LEU B 174 8.07 21.05 -16.92
N PRO B 175 8.67 20.25 -17.84
CA PRO B 175 8.22 18.89 -18.07
C PRO B 175 8.25 18.07 -16.84
N LYS B 176 7.13 17.46 -16.51
CA LYS B 176 7.00 16.60 -15.37
C LYS B 176 8.05 15.43 -15.37
N ASN B 177 8.24 14.79 -16.54
CA ASN B 177 9.14 13.61 -16.58
C ASN B 177 10.67 13.91 -16.43
N ASP B 178 11.08 15.17 -16.47
CA ASP B 178 12.50 15.53 -16.27
C ASP B 178 12.64 16.63 -15.22
N LEU B 179 11.67 16.72 -14.31
CA LEU B 179 11.49 17.94 -13.50
C LEU B 179 12.73 18.13 -12.64
N LEU B 180 13.15 17.09 -11.95
CA LEU B 180 14.33 17.25 -11.10
C LEU B 180 15.60 17.76 -11.83
N GLN B 181 15.94 17.17 -12.97
CA GLN B 181 17.09 17.66 -13.81
C GLN B 181 16.87 19.09 -14.29
N ARG B 182 15.65 19.42 -14.67
CA ARG B 182 15.38 20.82 -15.02
C ARG B 182 15.56 21.84 -13.89
N LEU B 183 15.11 21.48 -12.68
CA LEU B 183 15.24 22.37 -11.56
C LEU B 183 16.71 22.54 -11.21
N ASP B 184 17.44 21.44 -11.19
CA ASP B 184 18.88 21.43 -10.89
C ASP B 184 19.61 22.36 -11.86
N ALA B 185 19.20 22.39 -13.12
CA ALA B 185 19.76 23.31 -14.13
C ALA B 185 19.52 24.75 -13.79
N LEU B 186 18.27 25.08 -13.45
CA LEU B 186 17.94 26.44 -13.07
C LEU B 186 18.75 26.95 -11.90
N VAL B 187 18.96 26.09 -10.90
CA VAL B 187 19.76 26.49 -9.75
C VAL B 187 21.22 26.79 -10.13
N ALA B 188 21.82 25.88 -10.90
CA ALA B 188 23.22 25.94 -11.32
C ALA B 188 23.51 27.19 -12.12
N GLU B 189 22.58 27.54 -13.00
CA GLU B 189 22.80 28.61 -13.94
C GLU B 189 22.03 29.90 -13.71
N GLU B 190 20.92 29.87 -12.99
CA GLU B 190 20.12 31.10 -12.72
C GLU B 190 20.31 31.60 -11.24
N HIS B 191 21.02 30.84 -10.41
CA HIS B 191 21.22 31.16 -8.97
C HIS B 191 19.87 31.45 -8.22
N LEU B 192 18.83 30.70 -8.60
CA LEU B 192 17.52 30.73 -7.93
C LEU B 192 17.53 29.74 -6.75
N THR B 193 16.64 29.89 -5.78
CA THR B 193 16.44 28.88 -4.79
C THR B 193 15.12 28.15 -5.11
N VAL B 194 15.17 26.83 -5.21
CA VAL B 194 13.99 25.98 -5.42
C VAL B 194 13.36 25.72 -4.04
N ASP B 195 12.05 25.79 -3.98
CA ASP B 195 11.28 25.46 -2.80
C ASP B 195 11.34 23.99 -2.40
N ALA B 196 11.36 23.72 -1.11
CA ALA B 196 11.59 22.37 -0.66
C ALA B 196 10.47 21.40 -1.04
N ARG B 197 9.23 21.91 -1.14
CA ARG B 197 8.16 21.08 -1.56
C ARG B 197 8.24 20.70 -3.01
N VAL B 198 8.60 21.68 -3.84
CA VAL B 198 8.84 21.44 -5.27
C VAL B 198 9.94 20.40 -5.44
N TYR B 199 11.04 20.58 -4.74
CA TYR B 199 12.17 19.65 -4.84
C TYR B 199 11.81 18.25 -4.36
N SER B 200 11.05 18.15 -3.30
CA SER B 200 10.61 16.87 -2.82
C SER B 200 9.73 16.12 -3.81
N TYR B 201 8.84 16.86 -4.43
CA TYR B 201 7.91 16.31 -5.45
C TYR B 201 8.79 15.78 -6.59
N ALA B 202 9.72 16.62 -7.07
CA ALA B 202 10.58 16.23 -8.17
C ALA B 202 11.42 15.00 -7.88
N LEU B 203 11.95 14.89 -6.65
CA LEU B 203 12.70 13.74 -6.24
C LEU B 203 11.88 12.49 -6.31
N ALA B 204 10.71 12.51 -5.71
CA ALA B 204 9.80 11.36 -5.78
C ALA B 204 9.42 10.98 -7.19
N LEU B 205 9.30 11.93 -8.11
CA LEU B 205 9.02 11.57 -9.49
C LEU B 205 10.15 10.68 -10.00
N LYS B 206 11.39 10.95 -9.59
CA LYS B 206 12.54 10.14 -9.97
C LYS B 206 12.56 8.84 -9.23
N HIS B 207 12.32 8.86 -7.91
CA HIS B 207 12.44 7.69 -7.10
C HIS B 207 11.32 6.64 -7.30
N ALA B 208 10.20 7.06 -7.91
CA ALA B 208 9.09 6.11 -8.20
C ALA B 208 9.54 4.86 -8.98
N ASN B 209 8.94 3.74 -8.62
CA ASN B 209 9.31 2.37 -9.01
C ASN B 209 10.65 1.89 -8.42
N GLN C 16 15.84 -18.00 -2.80
CA GLN C 16 15.49 -18.79 -4.03
C GLN C 16 14.94 -17.92 -5.12
N TYR C 17 15.12 -18.28 -6.39
CA TYR C 17 14.64 -17.44 -7.51
C TYR C 17 14.55 -18.24 -8.79
N ILE C 18 13.76 -17.74 -9.74
CA ILE C 18 13.59 -18.38 -11.05
C ILE C 18 14.80 -18.06 -11.91
N ILE C 19 15.32 -19.10 -12.58
CA ILE C 19 16.42 -18.96 -13.55
C ILE C 19 15.86 -18.95 -14.98
N SER C 20 14.84 -19.76 -15.28
CA SER C 20 14.20 -19.75 -16.62
C SER C 20 12.86 -20.50 -16.64
N GLU C 21 12.09 -20.24 -17.70
CA GLU C 21 10.78 -20.85 -17.91
C GLU C 21 10.79 -21.32 -19.34
N GLU C 22 10.61 -22.63 -19.54
CA GLU C 22 10.71 -23.26 -20.87
C GLU C 22 9.36 -23.92 -21.17
N LEU C 23 8.87 -23.72 -22.38
CA LEU C 23 7.55 -24.08 -22.73
C LEU C 23 7.40 -25.54 -23.17
N ILE C 24 6.74 -26.39 -22.39
CA ILE C 24 6.45 -27.80 -22.80
C ILE C 24 5.29 -27.88 -23.79
N SER C 25 4.15 -27.27 -23.48
CA SER C 25 2.96 -27.34 -24.36
C SER C 25 1.99 -26.21 -24.11
N GLU C 26 1.47 -25.62 -25.17
CA GLU C 26 0.59 -24.45 -25.08
C GLU C 26 -0.70 -24.78 -25.76
N GLY C 27 -1.78 -24.74 -25.00
CA GLY C 27 -3.12 -24.84 -25.54
C GLY C 27 -3.66 -23.46 -25.80
N LYS C 28 -4.95 -23.40 -26.12
CA LYS C 28 -5.67 -22.12 -26.27
C LYS C 28 -5.93 -21.43 -24.90
N TRP C 29 -6.24 -22.22 -23.88
CA TRP C 29 -6.57 -21.70 -22.53
C TRP C 29 -5.55 -21.90 -21.43
N VAL C 30 -4.68 -22.91 -21.58
CA VAL C 30 -3.76 -23.37 -20.52
C VAL C 30 -2.38 -23.77 -21.09
N LYS C 31 -1.33 -23.59 -20.30
CA LYS C 31 0.05 -23.84 -20.69
C LYS C 31 0.75 -24.73 -19.67
N LEU C 32 1.70 -25.53 -20.14
CA LEU C 32 2.53 -26.35 -19.26
C LEU C 32 3.95 -25.81 -19.49
N GLU C 33 4.72 -25.61 -18.41
CA GLU C 33 6.12 -25.15 -18.49
C GLU C 33 7.07 -25.92 -17.62
N LYS C 34 8.35 -25.85 -18.00
CA LYS C 34 9.45 -26.42 -17.21
C LYS C 34 10.09 -25.23 -16.53
N THR C 35 10.08 -25.21 -15.19
CA THR C 35 10.61 -24.07 -14.43
C THR C 35 11.95 -24.44 -13.80
N THR C 36 12.99 -23.66 -14.06
CA THR C 36 14.33 -23.89 -13.51
C THR C 36 14.58 -22.85 -12.42
N TYR C 37 15.01 -23.29 -11.25
CA TYR C 37 15.10 -22.38 -10.12
C TYR C 37 16.30 -22.69 -9.20
N MET C 38 16.88 -21.68 -8.53
CA MET C 38 17.92 -21.93 -7.52
C MET C 38 17.28 -22.26 -6.18
N ASP C 39 17.61 -23.42 -5.62
CA ASP C 39 17.15 -23.82 -4.29
C ASP C 39 17.91 -23.05 -3.24
N PRO C 40 17.51 -23.23 -1.95
CA PRO C 40 18.11 -22.39 -0.89
C PRO C 40 19.62 -22.69 -0.54
N THR C 41 20.14 -23.87 -0.89
CA THR C 41 21.57 -24.22 -0.67
C THR C 41 22.48 -23.82 -1.85
N GLY C 42 21.90 -23.35 -2.95
CA GLY C 42 22.63 -23.08 -4.19
C GLY C 42 22.58 -24.18 -5.25
N LYS C 43 21.86 -25.29 -4.98
CA LYS C 43 21.56 -26.28 -6.03
C LYS C 43 20.49 -25.78 -6.98
N THR C 44 20.70 -26.07 -8.27
CA THR C 44 19.80 -25.76 -9.37
C THR C 44 18.73 -26.85 -9.48
N ARG C 45 17.43 -26.50 -9.60
CA ARG C 45 16.39 -27.53 -9.59
C ARG C 45 15.32 -27.25 -10.61
N THR C 46 14.44 -28.23 -10.85
CA THR C 46 13.45 -28.09 -11.88
C THR C 46 12.01 -28.44 -11.34
N TRP C 47 11.00 -27.84 -11.95
CA TRP C 47 9.60 -28.02 -11.55
C TRP C 47 8.72 -27.86 -12.76
N GLU C 48 7.73 -28.71 -12.90
CA GLU C 48 6.73 -28.61 -13.96
C GLU C 48 5.57 -27.69 -13.53
N SER C 49 5.48 -26.53 -14.17
CA SER C 49 4.48 -25.46 -13.80
C SER C 49 3.37 -25.30 -14.81
N VAL C 50 2.18 -25.01 -14.32
CA VAL C 50 1.04 -24.74 -15.13
C VAL C 50 0.69 -23.24 -15.06
N LYS C 51 0.33 -22.66 -16.20
CA LYS C 51 -0.12 -21.27 -16.29
C LYS C 51 -1.26 -21.17 -17.29
N ARG C 52 -2.18 -20.23 -17.03
CA ARG C 52 -3.29 -19.92 -17.98
C ARG C 52 -2.71 -18.99 -19.02
N THR C 53 -3.33 -18.97 -20.19
CA THR C 53 -2.84 -18.13 -21.30
C THR C 53 -3.43 -16.72 -21.31
N THR C 54 -4.50 -16.55 -20.54
CA THR C 54 -5.39 -15.38 -20.52
C THR C 54 -4.95 -14.15 -19.67
N ARG C 55 -3.89 -14.20 -18.87
CA ARG C 55 -3.59 -13.11 -17.90
C ARG C 55 -2.83 -11.97 -18.57
N LYS C 56 -3.37 -10.74 -18.43
CA LYS C 56 -2.76 -9.55 -19.02
C LYS C 56 -2.05 -8.75 -17.93
N GLN C 58 -3.00 -7.07 -15.54
CA GLN C 58 -4.12 -7.52 -14.73
C GLN C 58 -3.59 -8.01 -13.39
N THR C 59 -4.36 -7.74 -12.32
CA THR C 59 -3.92 -8.01 -10.92
C THR C 59 -3.83 -9.50 -10.56
N ALA C 60 -4.51 -10.31 -11.36
CA ALA C 60 -4.78 -11.68 -11.05
C ALA C 60 -5.53 -12.20 -12.23
N ASP C 61 -5.65 -13.52 -12.31
CA ASP C 61 -6.43 -14.13 -13.36
C ASP C 61 -7.93 -13.79 -13.25
N GLY C 62 -8.44 -13.84 -12.02
CA GLY C 62 -9.89 -13.85 -11.84
C GLY C 62 -10.31 -13.37 -10.47
N VAL C 63 -11.60 -13.51 -10.19
CA VAL C 63 -12.12 -13.11 -8.89
C VAL C 63 -13.03 -14.27 -8.40
N ALA C 64 -13.13 -14.41 -7.09
CA ALA C 64 -14.13 -15.26 -6.47
C ALA C 64 -14.91 -14.36 -5.54
N VAL C 65 -16.23 -14.46 -5.59
CA VAL C 65 -17.09 -13.56 -4.91
C VAL C 65 -17.69 -14.31 -3.70
N ILE C 66 -17.53 -13.74 -2.53
CA ILE C 66 -18.21 -14.24 -1.36
C ILE C 66 -19.49 -13.42 -1.18
N PRO C 67 -20.67 -14.01 -1.57
CA PRO C 67 -21.84 -13.17 -1.71
C PRO C 67 -22.76 -13.43 -0.49
N VAL C 68 -22.88 -12.40 0.33
CA VAL C 68 -23.56 -12.52 1.61
C VAL C 68 -24.94 -11.89 1.39
N LEU C 69 -25.95 -12.76 1.41
CA LEU C 69 -27.35 -12.33 1.23
C LEU C 69 -27.89 -11.90 2.57
N GLN C 70 -28.25 -10.64 2.67
CA GLN C 70 -28.68 -9.98 3.87
C GLN C 70 -30.16 -9.61 3.79
N ARG C 71 -30.94 -9.97 4.81
CA ARG C 71 -32.38 -9.72 4.86
C ARG C 71 -32.79 -9.39 6.30
N THR C 72 -33.74 -8.47 6.47
CA THR C 72 -34.12 -7.94 7.78
C THR C 72 -34.56 -9.00 8.71
N LEU C 73 -35.30 -9.97 8.16
CA LEU C 73 -35.95 -10.99 8.98
C LEU C 73 -35.16 -12.27 9.24
N HIS C 74 -34.01 -12.41 8.58
CA HIS C 74 -33.29 -13.70 8.55
C HIS C 74 -31.79 -13.57 8.89
N TYR C 75 -31.23 -14.69 9.23
CA TYR C 75 -29.77 -14.87 9.26
C TYR C 75 -29.22 -14.79 7.83
N GLU C 76 -27.97 -14.33 7.74
CA GLU C 76 -27.29 -14.25 6.45
C GLU C 76 -27.19 -15.61 5.78
N CYS C 77 -27.21 -15.62 4.43
CA CYS C 77 -26.90 -16.78 3.65
C CYS C 77 -25.67 -16.48 2.81
N ILE C 78 -24.97 -17.55 2.45
CA ILE C 78 -23.89 -17.44 1.47
C ILE C 78 -24.45 -18.01 0.19
N VAL C 79 -24.29 -17.27 -0.90
CA VAL C 79 -24.85 -17.67 -2.23
C VAL C 79 -23.73 -18.38 -2.96
N LEU C 80 -23.99 -19.62 -3.37
CA LEU C 80 -22.99 -20.43 -4.06
C LEU C 80 -23.63 -20.88 -5.39
N VAL C 81 -22.77 -21.42 -6.25
CA VAL C 81 -23.17 -21.93 -7.53
C VAL C 81 -22.73 -23.34 -7.71
N LYS C 82 -23.58 -24.08 -8.39
CA LYS C 82 -23.31 -25.45 -8.74
C LYS C 82 -23.26 -25.57 -10.26
N GLN C 83 -22.17 -26.15 -10.74
CA GLN C 83 -21.91 -26.26 -12.17
C GLN C 83 -21.09 -27.48 -12.50
N PHE C 84 -21.27 -28.01 -13.71
CA PHE C 84 -20.51 -29.13 -14.18
C PHE C 84 -19.14 -28.62 -14.54
N ARG C 85 -18.08 -29.35 -14.18
CA ARG C 85 -16.70 -28.90 -14.37
C ARG C 85 -15.96 -30.01 -15.06
N PRO C 86 -15.61 -29.76 -16.36
CA PRO C 86 -15.03 -30.84 -17.15
C PRO C 86 -13.78 -31.47 -16.58
N PRO C 87 -12.83 -30.67 -16.04
CA PRO C 87 -11.65 -31.28 -15.49
C PRO C 87 -11.99 -32.26 -14.32
N MET C 88 -13.01 -31.96 -13.56
CA MET C 88 -13.42 -32.83 -12.46
C MET C 88 -14.33 -33.95 -12.91
N GLY C 89 -14.94 -33.89 -14.08
CA GLY C 89 -15.88 -34.92 -14.51
C GLY C 89 -17.16 -34.93 -13.70
N GLY C 90 -17.57 -33.78 -13.19
CA GLY C 90 -18.74 -33.75 -12.33
C GLY C 90 -19.06 -32.36 -11.85
N TYR C 91 -20.01 -32.31 -10.92
CA TYR C 91 -20.58 -31.07 -10.48
C TYR C 91 -19.81 -30.55 -9.29
N CYS C 92 -19.68 -29.23 -9.21
CA CYS C 92 -18.91 -28.63 -8.08
C CYS C 92 -19.68 -27.50 -7.51
N ILE C 93 -19.54 -27.29 -6.19
CA ILE C 93 -20.16 -26.26 -5.50
C ILE C 93 -19.06 -25.21 -5.19
N GLU C 94 -19.30 -23.99 -5.63
CA GLU C 94 -18.27 -22.92 -5.63
C GLU C 94 -18.84 -21.56 -5.33
N PHE C 95 -17.94 -20.65 -4.96
CA PHE C 95 -18.24 -19.24 -4.97
C PHE C 95 -18.40 -18.79 -6.44
N PRO C 96 -19.36 -17.91 -6.71
CA PRO C 96 -19.40 -17.32 -8.06
C PRO C 96 -18.02 -16.75 -8.38
N ALA C 97 -17.61 -16.94 -9.62
CA ALA C 97 -16.26 -16.64 -10.01
C ALA C 97 -16.09 -16.56 -11.51
N GLY C 98 -15.05 -15.82 -11.90
CA GLY C 98 -14.65 -15.76 -13.28
C GLY C 98 -13.39 -14.94 -13.50
N LEU C 99 -12.93 -14.95 -14.74
CA LEU C 99 -11.80 -14.11 -15.16
C LEU C 99 -12.06 -12.61 -15.14
N ILE C 100 -11.03 -11.82 -14.77
CA ILE C 100 -11.09 -10.36 -14.86
C ILE C 100 -10.88 -9.96 -16.35
N ASP C 101 -11.86 -9.26 -16.94
CA ASP C 101 -11.74 -8.76 -18.34
C ASP C 101 -10.60 -7.76 -18.45
N ASP C 102 -10.13 -7.51 -19.68
CA ASP C 102 -9.04 -6.55 -19.89
C ASP C 102 -9.61 -5.17 -19.64
N GLY C 103 -8.93 -4.35 -18.85
CA GLY C 103 -9.48 -3.02 -18.48
C GLY C 103 -10.15 -3.00 -17.12
N GLU C 104 -10.75 -4.14 -16.75
CA GLU C 104 -11.74 -4.24 -15.65
C GLU C 104 -11.10 -4.33 -14.28
N THR C 105 -11.61 -3.58 -13.34
CA THR C 105 -11.22 -3.71 -11.97
C THR C 105 -11.74 -5.07 -11.33
N PRO C 106 -11.04 -5.61 -10.33
CA PRO C 106 -11.52 -6.82 -9.65
C PRO C 106 -12.89 -6.61 -9.09
N GLU C 107 -13.14 -5.38 -8.59
CA GLU C 107 -14.42 -5.09 -8.02
C GLU C 107 -15.55 -5.15 -9.04
N ALA C 108 -15.32 -4.71 -10.27
CA ALA C 108 -16.38 -4.62 -11.26
C ALA C 108 -16.58 -6.05 -11.80
N ALA C 109 -15.48 -6.77 -11.95
CA ALA C 109 -15.58 -8.18 -12.33
C ALA C 109 -16.44 -8.97 -11.33
N ALA C 110 -16.31 -8.64 -10.04
CA ALA C 110 -17.01 -9.39 -9.02
C ALA C 110 -18.51 -9.15 -9.15
N LEU C 111 -18.88 -7.89 -9.30
CA LEU C 111 -20.31 -7.54 -9.42
C LEU C 111 -20.90 -8.06 -10.73
N ARG C 112 -20.11 -8.01 -11.82
CA ARG C 112 -20.55 -8.60 -13.09
C ARG C 112 -20.75 -10.10 -12.99
N GLU C 113 -19.74 -10.80 -12.48
CA GLU C 113 -19.79 -12.29 -12.44
C GLU C 113 -20.91 -12.67 -11.49
N LEU C 114 -21.07 -11.90 -10.41
CA LEU C 114 -22.12 -12.29 -9.44
C LEU C 114 -23.50 -12.24 -10.11
N GLU C 115 -23.72 -11.10 -10.76
CA GLU C 115 -25.00 -10.83 -11.44
C GLU C 115 -25.29 -11.85 -12.51
N GLU C 116 -24.32 -12.11 -13.36
CA GLU C 116 -24.39 -13.17 -14.35
C GLU C 116 -24.71 -14.59 -13.86
N GLU C 117 -24.09 -14.97 -12.75
CA GLU C 117 -24.13 -16.34 -12.37
C GLU C 117 -25.29 -16.60 -11.45
N THR C 118 -25.73 -15.57 -10.74
CA THR C 118 -26.78 -15.74 -9.76
C THR C 118 -28.00 -14.86 -9.97
N GLY C 119 -27.89 -13.77 -10.75
CA GLY C 119 -28.95 -12.75 -10.86
C GLY C 119 -28.96 -11.70 -9.76
N TYR C 120 -28.18 -11.86 -8.68
CA TYR C 120 -28.18 -10.86 -7.64
C TYR C 120 -27.42 -9.61 -8.00
N LYS C 121 -27.97 -8.49 -7.58
CA LYS C 121 -27.25 -7.24 -7.64
C LYS C 121 -26.73 -6.89 -6.20
N GLY C 122 -25.41 -6.73 -6.12
CA GLY C 122 -24.70 -6.65 -4.87
C GLY C 122 -23.93 -5.38 -4.75
N ASP C 123 -23.33 -5.17 -3.59
CA ASP C 123 -22.50 -3.99 -3.30
C ASP C 123 -21.13 -4.50 -2.77
N ILE C 124 -20.01 -3.96 -3.28
CA ILE C 124 -18.73 -4.35 -2.76
C ILE C 124 -18.65 -4.09 -1.27
N ALA C 125 -18.19 -5.08 -0.50
CA ALA C 125 -17.76 -4.83 0.87
C ALA C 125 -16.24 -4.76 1.08
N GLU C 126 -15.49 -5.67 0.48
CA GLU C 126 -14.02 -5.76 0.70
C GLU C 126 -13.46 -6.52 -0.49
N CYS C 127 -12.18 -6.31 -0.76
CA CYS C 127 -11.48 -6.99 -1.85
C CYS C 127 -10.07 -7.37 -1.36
N SER C 128 -9.74 -8.65 -1.45
CA SER C 128 -8.43 -9.16 -1.04
C SER C 128 -7.33 -8.73 -1.95
N PRO C 129 -6.08 -8.85 -1.49
CA PRO C 129 -4.95 -8.79 -2.47
C PRO C 129 -4.99 -10.04 -3.35
N ALA C 130 -4.23 -10.06 -4.43
CA ALA C 130 -4.12 -11.30 -5.24
C ALA C 130 -3.63 -12.49 -4.37
N VAL C 131 -4.41 -13.57 -4.36
CA VAL C 131 -4.11 -14.77 -3.56
C VAL C 131 -4.01 -16.00 -4.47
N CYS C 132 -3.12 -16.95 -4.12
CA CYS C 132 -2.83 -18.08 -5.01
C CYS C 132 -3.80 -19.21 -4.82
N MET C 133 -4.08 -19.86 -5.93
CA MET C 133 -5.06 -20.98 -5.92
C MET C 133 -4.46 -22.34 -5.59
N ASP C 134 -3.28 -22.61 -6.13
CA ASP C 134 -2.71 -23.92 -6.00
C ASP C 134 -1.24 -23.76 -6.36
N PRO C 135 -0.47 -23.18 -5.43
CA PRO C 135 0.84 -22.59 -5.83
C PRO C 135 1.95 -23.64 -6.13
N GLY C 136 1.75 -24.90 -5.69
CA GLY C 136 2.61 -26.07 -6.06
C GLY C 136 2.36 -26.55 -7.51
N LEU C 137 1.22 -26.15 -8.05
CA LEU C 137 0.74 -26.50 -9.38
C LEU C 137 0.83 -25.37 -10.37
N SER C 138 0.29 -24.20 -10.01
CA SER C 138 0.05 -23.20 -10.98
C SER C 138 0.36 -21.87 -10.40
N ASN C 139 0.48 -20.90 -11.30
CA ASN C 139 0.62 -19.50 -10.87
C ASN C 139 -0.72 -18.78 -10.76
N CYS C 140 -1.85 -19.49 -10.92
CA CYS C 140 -3.18 -18.86 -10.90
C CYS C 140 -3.48 -18.11 -9.61
N THR C 141 -4.01 -16.89 -9.77
CA THR C 141 -4.35 -16.03 -8.63
C THR C 141 -5.75 -15.44 -8.80
N ILE C 142 -6.33 -15.10 -7.65
CA ILE C 142 -7.58 -14.35 -7.65
C ILE C 142 -7.57 -13.26 -6.63
N HIS C 143 -8.56 -12.37 -6.75
CA HIS C 143 -9.01 -11.55 -5.67
C HIS C 143 -10.29 -12.20 -5.11
N ILE C 144 -10.31 -12.34 -3.81
CA ILE C 144 -11.51 -12.74 -3.08
C ILE C 144 -12.23 -11.43 -2.71
N VAL C 145 -13.41 -11.27 -3.33
CA VAL C 145 -14.21 -10.11 -3.14
C VAL C 145 -15.47 -10.42 -2.40
N THR C 146 -15.58 -9.84 -1.20
CA THR C 146 -16.76 -9.92 -0.40
C THR C 146 -17.80 -8.92 -0.87
N VAL C 147 -19.03 -9.42 -1.13
CA VAL C 147 -20.11 -8.60 -1.69
C VAL C 147 -21.35 -8.82 -0.87
N THR C 148 -21.99 -7.74 -0.45
CA THR C 148 -23.28 -7.86 0.27
C THR C 148 -24.43 -7.71 -0.75
N ILE C 149 -25.49 -8.44 -0.50
CA ILE C 149 -26.67 -8.42 -1.36
C ILE C 149 -27.82 -8.06 -0.47
N ASN C 150 -28.48 -6.94 -0.78
CA ASN C 150 -29.68 -6.56 -0.02
C ASN C 150 -30.82 -7.42 -0.58
N GLY C 151 -31.11 -8.49 0.14
CA GLY C 151 -32.19 -9.44 -0.27
C GLY C 151 -33.62 -8.92 -0.14
N ASP C 152 -33.81 -7.78 0.51
CA ASP C 152 -35.13 -7.18 0.71
C ASP C 152 -35.45 -6.12 -0.29
N ASP C 153 -34.45 -5.66 -1.04
CA ASP C 153 -34.66 -4.70 -2.09
C ASP C 153 -35.43 -5.37 -3.16
N ALA C 154 -36.44 -4.67 -3.65
CA ALA C 154 -37.30 -5.19 -4.69
C ALA C 154 -36.53 -5.68 -5.95
N GLU C 155 -35.41 -5.01 -6.31
CA GLU C 155 -34.58 -5.46 -7.43
C GLU C 155 -33.97 -6.86 -7.27
N ASN C 156 -33.84 -7.37 -6.04
CA ASN C 156 -33.36 -8.71 -5.84
C ASN C 156 -34.47 -9.73 -5.54
N ALA C 157 -35.74 -9.36 -5.70
CA ALA C 157 -36.87 -10.28 -5.42
C ALA C 157 -36.93 -11.52 -6.29
N ARG C 158 -36.63 -11.38 -7.58
CA ARG C 158 -36.69 -12.52 -8.47
C ARG C 158 -35.39 -12.52 -9.24
N PRO C 159 -34.25 -12.74 -8.54
CA PRO C 159 -32.98 -12.82 -9.26
C PRO C 159 -32.96 -13.89 -10.36
N LYS C 160 -32.44 -13.57 -11.54
CA LYS C 160 -32.35 -14.58 -12.61
C LYS C 160 -30.97 -14.53 -13.18
N PRO C 161 -30.21 -15.64 -13.08
CA PRO C 161 -28.89 -15.69 -13.70
C PRO C 161 -29.01 -15.32 -15.17
N LYS C 162 -27.95 -14.77 -15.75
CA LYS C 162 -27.90 -14.51 -17.20
C LYS C 162 -26.60 -15.12 -17.59
N PRO C 163 -26.57 -16.45 -17.74
CA PRO C 163 -25.29 -17.08 -18.02
C PRO C 163 -24.93 -16.94 -19.49
N GLY C 164 -23.63 -16.79 -19.77
CA GLY C 164 -23.14 -16.79 -21.16
C GLY C 164 -23.44 -18.10 -21.86
N ASP C 165 -23.30 -18.13 -23.18
CA ASP C 165 -23.50 -19.37 -23.96
C ASP C 165 -22.50 -20.42 -23.46
N GLY C 166 -22.96 -21.65 -23.31
CA GLY C 166 -22.11 -22.70 -22.77
C GLY C 166 -21.91 -22.70 -21.25
N GLU C 167 -22.26 -21.61 -20.54
CA GLU C 167 -22.28 -21.59 -19.06
C GLU C 167 -23.66 -22.08 -18.56
N PHE C 168 -23.65 -22.98 -17.58
CA PHE C 168 -24.89 -23.52 -17.04
C PHE C 168 -24.74 -23.58 -15.52
N VAL C 169 -25.56 -22.86 -14.81
CA VAL C 169 -25.29 -22.62 -13.40
C VAL C 169 -26.56 -22.78 -12.66
N GLU C 170 -26.48 -23.35 -11.46
CA GLU C 170 -27.59 -23.47 -10.54
C GLU C 170 -27.15 -22.79 -9.26
N VAL C 171 -28.07 -22.06 -8.62
CA VAL C 171 -27.79 -21.21 -7.51
C VAL C 171 -28.27 -21.92 -6.27
N ILE C 172 -27.43 -21.94 -5.23
CA ILE C 172 -27.77 -22.50 -3.92
C ILE C 172 -27.39 -21.40 -2.89
N SER C 173 -28.30 -21.05 -2.00
CA SER C 173 -28.04 -20.13 -0.87
C SER C 173 -28.10 -20.91 0.42
N LEU C 174 -27.05 -20.84 1.23
CA LEU C 174 -27.00 -21.65 2.45
C LEU C 174 -26.76 -20.69 3.61
N PRO C 175 -27.35 -20.97 4.80
CA PRO C 175 -27.21 -20.07 5.92
C PRO C 175 -25.78 -20.04 6.42
N LYS C 176 -25.27 -18.83 6.67
CA LYS C 176 -23.88 -18.64 7.05
C LYS C 176 -23.59 -19.36 8.35
N ASN C 177 -24.57 -19.27 9.26
CA ASN C 177 -24.51 -19.87 10.61
C ASN C 177 -24.65 -21.41 10.68
N ASP C 178 -24.79 -22.07 9.55
CA ASP C 178 -24.75 -23.52 9.51
C ASP C 178 -24.07 -24.05 8.22
N LEU C 179 -23.11 -23.29 7.68
CA LEU C 179 -22.64 -23.52 6.30
C LEU C 179 -22.05 -24.91 6.14
N LEU C 180 -21.11 -25.28 7.01
CA LEU C 180 -20.40 -26.55 6.90
C LEU C 180 -21.35 -27.75 6.91
N GLN C 181 -22.24 -27.82 7.91
CA GLN C 181 -23.27 -28.89 7.99
C GLN C 181 -24.09 -28.99 6.72
N ARG C 182 -24.52 -27.86 6.25
CA ARG C 182 -25.35 -27.82 5.07
C ARG C 182 -24.58 -28.26 3.86
N LEU C 183 -23.28 -27.91 3.73
CA LEU C 183 -22.43 -28.43 2.66
C LEU C 183 -22.25 -29.95 2.79
N ASP C 184 -21.95 -30.42 4.01
CA ASP C 184 -21.87 -31.87 4.30
C ASP C 184 -23.16 -32.60 3.85
N ALA C 185 -24.32 -32.03 4.15
CA ALA C 185 -25.59 -32.68 3.76
C ALA C 185 -25.88 -32.67 2.26
N LEU C 186 -25.29 -31.75 1.48
CA LEU C 186 -25.42 -31.77 0.00
C LEU C 186 -24.56 -32.81 -0.64
N VAL C 187 -23.32 -32.88 -0.15
CA VAL C 187 -22.31 -33.82 -0.52
C VAL C 187 -22.82 -35.25 -0.21
N ALA C 188 -23.65 -35.39 0.84
CA ALA C 188 -24.26 -36.68 1.23
C ALA C 188 -25.32 -37.16 0.27
N GLU C 189 -26.12 -36.25 -0.25
CA GLU C 189 -27.23 -36.63 -1.13
C GLU C 189 -26.85 -36.79 -2.64
N GLU C 190 -25.62 -36.41 -3.06
CA GLU C 190 -25.23 -36.32 -4.51
C GLU C 190 -23.72 -36.50 -4.77
N HIS C 191 -23.34 -36.89 -6.00
CA HIS C 191 -21.92 -36.88 -6.45
C HIS C 191 -21.62 -35.44 -6.80
N LEU C 192 -21.03 -34.75 -5.85
CA LEU C 192 -20.66 -33.36 -6.05
C LEU C 192 -19.53 -33.00 -5.12
N THR C 193 -18.74 -32.04 -5.55
CA THR C 193 -17.47 -31.72 -4.85
C THR C 193 -17.52 -30.26 -4.43
N VAL C 194 -17.22 -29.96 -3.16
CA VAL C 194 -17.20 -28.61 -2.69
C VAL C 194 -15.81 -28.04 -3.02
N ASP C 195 -15.79 -26.79 -3.38
CA ASP C 195 -14.55 -26.08 -3.63
C ASP C 195 -13.74 -25.91 -2.31
N ALA C 196 -12.43 -26.00 -2.39
CA ALA C 196 -11.58 -25.88 -1.16
C ALA C 196 -11.67 -24.54 -0.45
N ARG C 197 -11.83 -23.46 -1.22
CA ARG C 197 -12.03 -22.13 -0.64
C ARG C 197 -13.36 -22.02 0.07
N VAL C 198 -14.41 -22.55 -0.52
CA VAL C 198 -15.68 -22.56 0.12
C VAL C 198 -15.61 -23.36 1.44
N TYR C 199 -15.01 -24.50 1.39
CA TYR C 199 -14.90 -25.36 2.56
C TYR C 199 -14.04 -24.73 3.67
N SER C 200 -12.91 -24.10 3.31
CA SER C 200 -12.08 -23.41 4.30
C SER C 200 -12.86 -22.31 4.92
N TYR C 201 -13.68 -21.62 4.14
CA TYR C 201 -14.49 -20.53 4.68
C TYR C 201 -15.48 -21.16 5.67
N ALA C 202 -16.12 -22.24 5.27
CA ALA C 202 -17.14 -22.88 6.17
C ALA C 202 -16.53 -23.36 7.49
N LEU C 203 -15.34 -23.93 7.40
CA LEU C 203 -14.64 -24.41 8.60
C LEU C 203 -14.37 -23.24 9.54
N ALA C 204 -13.83 -22.13 9.03
CA ALA C 204 -13.55 -20.98 9.96
C ALA C 204 -14.84 -20.42 10.59
N LEU C 205 -15.94 -20.44 9.84
CA LEU C 205 -17.16 -19.96 10.35
C LEU C 205 -17.54 -20.82 11.59
N LYS C 206 -17.44 -22.15 11.45
CA LYS C 206 -17.61 -23.10 12.58
C LYS C 206 -16.59 -22.91 13.73
N HIS C 207 -15.33 -22.68 13.41
CA HIS C 207 -14.28 -22.49 14.43
C HIS C 207 -14.23 -21.14 15.17
N ALA C 208 -14.84 -20.07 14.64
CA ALA C 208 -14.69 -18.73 15.23
C ALA C 208 -15.19 -18.67 16.68
N LYS D 15 -26.88 -35.35 -15.79
CA LYS D 15 -27.45 -34.42 -16.83
C LYS D 15 -26.40 -33.95 -17.84
N GLN D 16 -25.21 -33.49 -17.44
CA GLN D 16 -24.03 -33.35 -18.35
C GLN D 16 -23.07 -34.51 -18.12
N TYR D 17 -22.19 -34.83 -19.08
CA TYR D 17 -21.25 -35.97 -18.86
C TYR D 17 -20.01 -35.83 -19.66
N ILE D 18 -18.95 -36.56 -19.27
CA ILE D 18 -17.68 -36.66 -20.02
C ILE D 18 -17.93 -37.68 -21.14
N ILE D 19 -17.44 -37.36 -22.32
CA ILE D 19 -17.60 -38.21 -23.53
C ILE D 19 -16.26 -38.83 -23.80
N SER D 20 -15.17 -38.05 -23.68
CA SER D 20 -13.84 -38.57 -23.87
C SER D 20 -12.75 -37.63 -23.38
N GLU D 21 -11.56 -38.17 -23.16
CA GLU D 21 -10.42 -37.41 -22.70
C GLU D 21 -9.15 -37.69 -23.54
N GLU D 22 -8.75 -36.74 -24.39
CA GLU D 22 -7.54 -36.90 -25.22
C GLU D 22 -6.33 -36.35 -24.49
N LEU D 23 -5.37 -37.20 -24.18
CA LEU D 23 -4.06 -36.75 -23.71
C LEU D 23 -3.46 -35.76 -24.72
N ILE D 24 -2.88 -34.68 -24.20
CA ILE D 24 -2.21 -33.69 -25.04
C ILE D 24 -0.72 -33.65 -24.77
N SER D 25 -0.30 -33.74 -23.51
CA SER D 25 1.13 -33.69 -23.14
C SER D 25 1.30 -34.11 -21.65
N GLU D 26 2.16 -35.10 -21.41
CA GLU D 26 2.34 -35.77 -20.11
C GLU D 26 3.78 -35.62 -19.65
N GLY D 27 4.00 -34.99 -18.49
CA GLY D 27 5.34 -34.84 -17.88
C GLY D 27 5.40 -35.81 -16.71
N LYS D 28 6.43 -35.68 -15.88
CA LYS D 28 6.59 -36.55 -14.71
C LYS D 28 5.48 -36.42 -13.67
N TRP D 29 5.10 -35.17 -13.37
CA TRP D 29 4.15 -34.86 -12.29
C TRP D 29 2.76 -34.35 -12.71
N VAL D 30 2.65 -33.85 -13.94
CA VAL D 30 1.49 -33.09 -14.42
C VAL D 30 1.23 -33.37 -15.90
N LYS D 31 -0.04 -33.43 -16.28
CA LYS D 31 -0.45 -33.69 -17.67
C LYS D 31 -1.59 -32.77 -18.11
N LEU D 32 -1.70 -32.61 -19.43
CA LEU D 32 -2.65 -31.72 -20.05
C LEU D 32 -3.51 -32.56 -21.00
N GLU D 33 -4.83 -32.37 -20.94
CA GLU D 33 -5.79 -33.16 -21.71
C GLU D 33 -6.83 -32.28 -22.29
N LYS D 34 -7.38 -32.71 -23.42
CA LYS D 34 -8.58 -32.11 -24.02
C LYS D 34 -9.79 -33.01 -23.69
N THR D 35 -10.70 -32.50 -22.88
CA THR D 35 -11.86 -33.23 -22.43
C THR D 35 -13.05 -32.93 -23.31
N THR D 36 -13.73 -33.95 -23.83
CA THR D 36 -14.95 -33.70 -24.57
C THR D 36 -16.11 -34.06 -23.67
N TYR D 37 -17.12 -33.22 -23.68
CA TYR D 37 -18.27 -33.46 -22.84
C TYR D 37 -19.50 -32.94 -23.52
N MET D 38 -20.64 -33.35 -23.02
CA MET D 38 -21.95 -32.93 -23.49
C MET D 38 -22.58 -31.94 -22.52
N ASP D 39 -22.93 -30.74 -23.01
CA ASP D 39 -23.72 -29.77 -22.22
C ASP D 39 -25.17 -30.20 -22.03
N PRO D 40 -25.97 -29.42 -21.28
CA PRO D 40 -27.33 -29.99 -21.03
C PRO D 40 -28.26 -29.84 -22.24
N THR D 41 -27.98 -28.87 -23.11
CA THR D 41 -28.72 -28.67 -24.37
C THR D 41 -28.38 -29.71 -25.45
N GLY D 42 -27.68 -30.78 -25.08
CA GLY D 42 -27.32 -31.85 -26.00
C GLY D 42 -26.16 -31.56 -26.94
N LYS D 43 -25.56 -30.37 -26.86
CA LYS D 43 -24.36 -30.04 -27.69
C LYS D 43 -23.01 -30.53 -27.10
N THR D 44 -22.13 -30.98 -27.99
CA THR D 44 -20.83 -31.59 -27.66
C THR D 44 -19.74 -30.51 -27.60
N ARG D 45 -19.06 -30.40 -26.46
CA ARG D 45 -18.05 -29.35 -26.30
C ARG D 45 -16.73 -29.86 -25.79
N THR D 46 -15.71 -29.02 -25.84
CA THR D 46 -14.38 -29.38 -25.37
C THR D 46 -13.83 -28.41 -24.32
N TRP D 47 -12.84 -28.87 -23.57
CA TRP D 47 -12.26 -28.13 -22.45
C TRP D 47 -10.84 -28.63 -22.21
N GLU D 48 -9.86 -27.73 -22.11
CA GLU D 48 -8.50 -28.11 -21.73
C GLU D 48 -8.36 -28.15 -20.20
N SER D 49 -7.89 -29.27 -19.69
CA SER D 49 -7.78 -29.56 -18.23
C SER D 49 -6.41 -30.08 -17.85
N VAL D 50 -5.99 -29.78 -16.63
CA VAL D 50 -4.76 -30.25 -16.07
C VAL D 50 -5.06 -31.40 -15.09
N LYS D 51 -4.23 -32.45 -15.06
CA LYS D 51 -4.30 -33.46 -14.01
C LYS D 51 -2.91 -33.83 -13.56
N ARG D 52 -2.79 -34.31 -12.32
CA ARG D 52 -1.54 -34.88 -11.80
C ARG D 52 -1.40 -36.33 -12.22
N THR D 53 -0.16 -36.82 -12.23
CA THR D 53 0.15 -38.21 -12.59
C THR D 53 0.35 -39.16 -11.38
N THR D 54 -0.12 -38.76 -10.20
CA THR D 54 0.31 -39.36 -8.93
C THR D 54 -0.86 -39.78 -8.05
N ALA D 60 -8.06 -38.62 -2.83
CA ALA D 60 -7.66 -37.29 -3.15
C ALA D 60 -6.20 -37.27 -3.46
N ASP D 61 -5.68 -36.21 -4.08
CA ASP D 61 -4.24 -36.09 -4.35
C ASP D 61 -3.41 -35.85 -3.06
N GLY D 62 -3.95 -34.98 -2.22
CA GLY D 62 -3.23 -34.40 -1.09
C GLY D 62 -4.08 -34.08 0.12
N VAL D 63 -3.37 -33.57 1.13
CA VAL D 63 -4.01 -33.02 2.31
C VAL D 63 -3.48 -31.58 2.52
N ALA D 64 -4.31 -30.75 3.11
CA ALA D 64 -3.88 -29.42 3.65
C ALA D 64 -4.28 -29.45 5.07
N VAL D 65 -3.40 -28.97 5.94
CA VAL D 65 -3.66 -29.07 7.37
C VAL D 65 -3.94 -27.68 7.95
N ILE D 66 -5.01 -27.58 8.72
CA ILE D 66 -5.33 -26.38 9.43
C ILE D 66 -4.89 -26.65 10.90
N PRO D 67 -3.68 -26.18 11.27
CA PRO D 67 -3.19 -26.56 12.61
C PRO D 67 -3.42 -25.46 13.68
N VAL D 68 -4.23 -25.75 14.70
CA VAL D 68 -4.60 -24.82 15.73
C VAL D 68 -3.73 -25.14 17.01
N LEU D 69 -2.77 -24.30 17.33
CA LEU D 69 -1.88 -24.47 18.48
C LEU D 69 -2.56 -23.94 19.77
N GLN D 70 -2.91 -24.84 20.68
CA GLN D 70 -3.63 -24.47 21.90
C GLN D 70 -2.77 -24.61 23.16
N ARG D 71 -2.83 -23.59 24.02
CA ARG D 71 -2.10 -23.56 25.29
C ARG D 71 -3.11 -22.97 26.27
N THR D 72 -3.32 -23.61 27.41
CA THR D 72 -4.20 -23.00 28.43
C THR D 72 -3.74 -21.59 28.82
N LEU D 73 -4.71 -20.71 29.11
CA LEU D 73 -4.38 -19.34 29.47
C LEU D 73 -3.71 -18.53 28.35
N HIS D 74 -3.81 -18.99 27.10
CA HIS D 74 -3.24 -18.24 25.99
C HIS D 74 -4.30 -18.25 24.83
N TYR D 75 -4.12 -17.32 23.90
CA TYR D 75 -4.86 -17.21 22.61
C TYR D 75 -4.44 -18.41 21.73
N GLU D 76 -5.32 -18.87 20.83
CA GLU D 76 -4.93 -19.90 19.85
C GLU D 76 -4.13 -19.28 18.72
N CYS D 77 -3.26 -20.07 18.10
CA CYS D 77 -2.45 -19.66 16.93
C CYS D 77 -2.70 -20.64 15.80
N ILE D 78 -2.55 -20.17 14.57
CA ILE D 78 -2.81 -20.99 13.38
C ILE D 78 -1.43 -21.08 12.81
N VAL D 79 -0.96 -22.31 12.67
CA VAL D 79 0.43 -22.52 12.27
C VAL D 79 0.47 -22.60 10.75
N LEU D 80 1.18 -21.73 10.10
CA LEU D 80 1.23 -21.72 8.66
C LEU D 80 2.58 -22.01 8.26
N VAL D 81 2.84 -22.12 6.92
CA VAL D 81 4.20 -22.29 6.48
C VAL D 81 4.47 -21.44 5.27
N LYS D 82 5.73 -21.03 5.12
CA LYS D 82 6.16 -20.24 4.00
C LYS D 82 7.27 -20.97 3.26
N GLN D 83 7.21 -20.96 1.93
CA GLN D 83 8.18 -21.64 1.09
C GLN D 83 8.08 -21.05 -0.31
N PHE D 84 9.17 -21.19 -1.05
CA PHE D 84 9.28 -20.82 -2.46
C PHE D 84 8.47 -21.80 -3.33
N ARG D 85 7.64 -21.24 -4.20
CA ARG D 85 6.80 -22.05 -5.07
C ARG D 85 7.20 -21.74 -6.50
N PRO D 86 7.93 -22.66 -7.15
CA PRO D 86 8.33 -22.44 -8.55
C PRO D 86 7.26 -21.97 -9.48
N PRO D 87 6.04 -22.59 -9.45
CA PRO D 87 5.01 -22.10 -10.37
C PRO D 87 4.68 -20.56 -10.17
N MET D 88 4.78 -20.09 -8.92
CA MET D 88 4.44 -18.70 -8.53
C MET D 88 5.61 -17.73 -8.70
N GLY D 89 6.84 -18.21 -8.82
CA GLY D 89 7.95 -17.29 -8.87
C GLY D 89 8.32 -16.67 -7.55
N GLY D 90 7.85 -17.21 -6.42
CA GLY D 90 8.07 -16.46 -5.21
C GLY D 90 7.57 -17.24 -4.06
N TYR D 91 7.69 -16.66 -2.90
CA TYR D 91 7.28 -17.30 -1.67
C TYR D 91 5.74 -17.19 -1.39
N CYS D 92 5.14 -18.25 -0.80
CA CYS D 92 3.73 -18.27 -0.52
C CYS D 92 3.57 -18.72 0.91
N ILE D 93 2.54 -18.21 1.56
CA ILE D 93 2.19 -18.57 2.91
C ILE D 93 0.99 -19.46 2.79
N GLU D 94 1.08 -20.69 3.31
CA GLU D 94 0.05 -21.71 3.09
C GLU D 94 -0.15 -22.48 4.34
N PHE D 95 -1.24 -23.25 4.35
CA PHE D 95 -1.45 -24.22 5.35
C PHE D 95 -0.40 -25.32 5.04
N PRO D 96 0.14 -25.95 6.06
CA PRO D 96 1.02 -27.07 5.72
C PRO D 96 0.21 -28.14 4.96
N ALA D 97 0.88 -28.79 4.02
CA ALA D 97 0.19 -29.64 3.06
C ALA D 97 1.18 -30.56 2.36
N GLY D 98 0.67 -31.69 1.87
CA GLY D 98 1.44 -32.57 0.97
C GLY D 98 0.63 -33.69 0.35
N LEU D 99 1.26 -34.46 -0.55
CA LEU D 99 0.57 -35.64 -1.12
C LEU D 99 0.34 -36.74 -0.08
N ILE D 100 -0.75 -37.47 -0.27
CA ILE D 100 -1.04 -38.64 0.49
C ILE D 100 -0.23 -39.77 -0.16
N ASP D 101 0.46 -40.55 0.66
CA ASP D 101 1.30 -41.67 0.14
C ASP D 101 0.36 -42.85 -0.23
N ASP D 102 0.81 -43.79 -1.07
CA ASP D 102 0.02 -45.03 -1.38
C ASP D 102 -0.39 -45.78 -0.11
N GLY D 103 -1.68 -46.10 0.03
CA GLY D 103 -2.20 -46.82 1.22
C GLY D 103 -2.46 -45.99 2.48
N GLU D 104 -1.74 -44.87 2.64
CA GLU D 104 -1.87 -43.93 3.78
C GLU D 104 -3.23 -43.26 3.82
N THR D 105 -3.81 -43.13 5.00
CA THR D 105 -5.11 -42.48 5.15
C THR D 105 -4.88 -40.93 5.09
N PRO D 106 -5.93 -40.14 4.78
CA PRO D 106 -5.77 -38.67 4.84
C PRO D 106 -5.35 -38.16 6.25
N GLU D 107 -5.97 -38.71 7.31
CA GLU D 107 -5.62 -38.31 8.68
C GLU D 107 -4.18 -38.51 8.98
N ALA D 108 -3.62 -39.65 8.55
CA ALA D 108 -2.25 -39.95 8.91
C ALA D 108 -1.36 -39.10 8.05
N ALA D 109 -1.72 -38.88 6.78
CA ALA D 109 -0.88 -38.02 5.94
C ALA D 109 -0.82 -36.61 6.56
N ALA D 110 -1.97 -36.14 7.07
CA ALA D 110 -2.03 -34.80 7.70
C ALA D 110 -1.08 -34.75 8.92
N LEU D 111 -1.20 -35.69 9.87
CA LEU D 111 -0.25 -35.66 11.02
C LEU D 111 1.23 -35.76 10.56
N ARG D 112 1.50 -36.59 9.55
CA ARG D 112 2.90 -36.70 9.08
C ARG D 112 3.38 -35.43 8.46
N GLU D 113 2.60 -34.90 7.54
CA GLU D 113 3.03 -33.69 6.85
C GLU D 113 3.06 -32.48 7.87
N LEU D 114 2.20 -32.46 8.86
CA LEU D 114 2.33 -31.36 9.85
C LEU D 114 3.66 -31.44 10.64
N GLU D 115 4.01 -32.64 11.12
CA GLU D 115 5.33 -32.89 11.76
C GLU D 115 6.53 -32.65 10.86
N GLU D 116 6.51 -33.20 9.66
CA GLU D 116 7.54 -32.87 8.71
C GLU D 116 7.77 -31.39 8.52
N GLU D 117 6.69 -30.64 8.28
CA GLU D 117 6.82 -29.28 7.82
C GLU D 117 6.93 -28.29 9.00
N THR D 118 6.38 -28.66 10.17
CA THR D 118 6.36 -27.78 11.32
C THR D 118 7.07 -28.27 12.60
N GLY D 119 7.28 -29.57 12.79
CA GLY D 119 7.74 -30.15 14.07
C GLY D 119 6.62 -30.59 14.99
N TYR D 120 5.38 -30.09 14.84
CA TYR D 120 4.36 -30.36 15.83
C TYR D 120 3.68 -31.72 15.69
N LYS D 121 3.13 -32.22 16.80
CA LYS D 121 2.48 -33.51 16.88
C LYS D 121 1.10 -33.16 17.29
N GLY D 122 0.15 -33.42 16.37
CA GLY D 122 -1.17 -32.95 16.50
C GLY D 122 -2.11 -34.06 16.72
N ASP D 123 -3.32 -33.69 17.09
CA ASP D 123 -4.44 -34.58 17.25
C ASP D 123 -5.50 -34.24 16.18
N ILE D 124 -6.05 -35.26 15.55
CA ILE D 124 -7.11 -35.08 14.57
C ILE D 124 -8.35 -34.50 15.20
N ALA D 125 -8.82 -33.33 14.70
CA ALA D 125 -10.12 -32.78 15.13
C ALA D 125 -11.19 -33.19 14.11
N GLU D 126 -10.90 -33.03 12.81
CA GLU D 126 -11.88 -33.38 11.75
C GLU D 126 -11.19 -33.42 10.39
N CYS D 127 -11.88 -34.07 9.47
CA CYS D 127 -11.36 -34.29 8.16
C CYS D 127 -12.47 -34.08 7.15
N SER D 128 -12.20 -33.25 6.14
CA SER D 128 -13.17 -32.97 5.06
C SER D 128 -13.27 -34.15 4.10
N PRO D 129 -14.34 -34.21 3.31
CA PRO D 129 -14.34 -34.98 2.08
C PRO D 129 -13.37 -34.34 1.10
N ALA D 130 -13.11 -34.99 0.00
CA ALA D 130 -12.17 -34.50 -0.98
C ALA D 130 -12.79 -33.23 -1.62
N VAL D 131 -11.98 -32.16 -1.68
CA VAL D 131 -12.50 -30.83 -2.08
C VAL D 131 -11.63 -30.40 -3.27
N CYS D 132 -12.17 -29.69 -4.25
CA CYS D 132 -11.42 -29.32 -5.44
C CYS D 132 -10.60 -28.04 -5.30
N MET D 133 -9.45 -28.03 -5.92
CA MET D 133 -8.48 -26.93 -5.78
C MET D 133 -8.75 -25.77 -6.72
N ASP D 134 -9.13 -26.08 -7.95
CA ASP D 134 -9.39 -25.09 -8.98
C ASP D 134 -10.08 -25.87 -10.12
N PRO D 135 -11.42 -26.07 -10.02
CA PRO D 135 -12.09 -27.17 -10.75
C PRO D 135 -12.25 -26.79 -12.24
N GLY D 136 -12.26 -25.48 -12.52
CA GLY D 136 -12.17 -25.00 -13.89
C GLY D 136 -10.83 -25.27 -14.60
N LEU D 137 -9.76 -25.52 -13.84
CA LEU D 137 -8.42 -25.73 -14.40
C LEU D 137 -7.93 -27.17 -14.30
N SER D 138 -8.21 -27.82 -13.19
CA SER D 138 -7.60 -29.09 -12.89
C SER D 138 -8.59 -30.00 -12.13
N ASN D 139 -8.20 -31.26 -11.99
CA ASN D 139 -8.99 -32.24 -11.27
C ASN D 139 -8.45 -32.41 -9.85
N CYS D 140 -7.53 -31.54 -9.44
CA CYS D 140 -6.78 -31.78 -8.19
C CYS D 140 -7.74 -31.62 -7.04
N THR D 141 -7.63 -32.52 -6.05
CA THR D 141 -8.42 -32.47 -4.86
C THR D 141 -7.50 -32.67 -3.62
N ILE D 142 -8.04 -32.25 -2.48
CA ILE D 142 -7.40 -32.52 -1.21
C ILE D 142 -8.45 -32.82 -0.18
N HIS D 143 -8.00 -33.38 0.94
CA HIS D 143 -8.76 -33.34 2.19
C HIS D 143 -8.20 -32.22 3.03
N ILE D 144 -9.09 -31.37 3.52
CA ILE D 144 -8.69 -30.39 4.54
C ILE D 144 -8.85 -31.01 5.90
N VAL D 145 -7.75 -31.06 6.66
CA VAL D 145 -7.74 -31.76 7.94
C VAL D 145 -7.42 -30.76 9.03
N THR D 146 -8.37 -30.60 9.95
CA THR D 146 -8.23 -29.71 11.09
C THR D 146 -7.51 -30.49 12.21
N VAL D 147 -6.43 -29.93 12.73
CA VAL D 147 -5.59 -30.62 13.71
C VAL D 147 -5.29 -29.69 14.89
N THR D 148 -5.59 -30.15 16.12
CA THR D 148 -5.28 -29.36 17.35
C THR D 148 -3.92 -29.78 17.83
N ILE D 149 -3.10 -28.83 18.26
CA ILE D 149 -1.76 -29.12 18.75
C ILE D 149 -1.82 -28.72 20.21
N ASN D 150 -1.41 -29.62 21.11
CA ASN D 150 -1.41 -29.34 22.54
C ASN D 150 -0.06 -28.75 22.83
N GLY D 151 0.01 -27.41 22.83
CA GLY D 151 1.26 -26.68 23.03
C GLY D 151 1.81 -26.66 24.46
N ASP D 152 1.04 -27.22 25.41
CA ASP D 152 1.49 -27.52 26.79
C ASP D 152 2.26 -28.87 26.94
N ASP D 153 2.06 -29.79 26.01
CA ASP D 153 2.72 -31.10 26.02
C ASP D 153 4.17 -30.96 25.64
N ALA D 154 5.00 -31.85 26.19
CA ALA D 154 6.44 -31.72 26.10
C ALA D 154 6.96 -31.81 24.66
N GLU D 155 6.36 -32.68 23.85
CA GLU D 155 6.77 -32.79 22.44
C GLU D 155 6.68 -31.45 21.69
N ASN D 156 5.72 -30.61 22.06
CA ASN D 156 5.39 -29.41 21.30
C ASN D 156 5.99 -28.11 21.87
N ALA D 157 6.85 -28.20 22.88
CA ALA D 157 7.49 -27.01 23.45
C ALA D 157 8.31 -26.23 22.42
N ARG D 158 9.21 -26.89 21.71
CA ARG D 158 10.05 -26.18 20.71
C ARG D 158 10.59 -27.09 19.61
N PRO D 159 9.68 -27.84 18.94
CA PRO D 159 10.08 -28.75 17.85
C PRO D 159 10.57 -28.00 16.60
N LYS D 160 11.28 -28.73 15.72
CA LYS D 160 11.79 -28.17 14.44
C LYS D 160 11.31 -29.01 13.23
N PRO D 161 11.18 -28.36 12.05
CA PRO D 161 10.75 -29.13 10.86
C PRO D 161 11.74 -30.27 10.59
N LYS D 162 11.29 -31.36 9.97
CA LYS D 162 12.19 -32.37 9.37
C LYS D 162 11.81 -32.46 7.89
N PRO D 163 12.34 -31.53 7.08
CA PRO D 163 11.95 -31.50 5.67
C PRO D 163 12.65 -32.59 4.83
N GLY D 164 11.92 -33.14 3.85
CA GLY D 164 12.53 -34.02 2.85
C GLY D 164 13.55 -33.30 1.96
N ASP D 165 14.22 -34.03 1.07
CA ASP D 165 15.30 -33.44 0.28
C ASP D 165 14.65 -32.44 -0.65
N GLY D 166 15.29 -31.31 -0.87
CA GLY D 166 14.73 -30.25 -1.70
C GLY D 166 13.48 -29.52 -1.20
N GLU D 167 13.10 -29.72 0.07
CA GLU D 167 11.95 -29.07 0.71
C GLU D 167 12.57 -28.12 1.72
N PHE D 168 12.21 -26.83 1.65
CA PHE D 168 12.76 -25.76 2.55
C PHE D 168 11.57 -24.93 3.04
N VAL D 169 11.14 -25.11 4.29
CA VAL D 169 9.89 -24.53 4.78
C VAL D 169 10.12 -23.76 6.12
N GLU D 170 9.54 -22.56 6.18
CA GLU D 170 9.59 -21.66 7.33
C GLU D 170 8.25 -21.71 8.04
N VAL D 171 8.26 -21.93 9.36
CA VAL D 171 7.04 -21.94 10.15
C VAL D 171 6.71 -20.47 10.50
N ILE D 172 5.44 -20.10 10.32
CA ILE D 172 4.93 -18.74 10.64
C ILE D 172 3.65 -19.00 11.40
N SER D 173 3.72 -18.82 12.70
CA SER D 173 2.60 -19.08 13.58
C SER D 173 1.94 -17.73 13.89
N LEU D 174 0.63 -17.59 13.59
CA LEU D 174 -0.07 -16.28 13.68
C LEU D 174 -1.24 -16.42 14.60
N PRO D 175 -1.52 -15.38 15.42
CA PRO D 175 -2.64 -15.54 16.34
C PRO D 175 -3.91 -15.66 15.54
N LYS D 176 -4.77 -16.56 15.95
CA LYS D 176 -6.00 -16.80 15.26
C LYS D 176 -6.89 -15.52 15.29
N ASN D 177 -6.85 -14.83 16.43
CA ASN D 177 -7.72 -13.70 16.70
C ASN D 177 -7.47 -12.46 15.81
N ASP D 178 -6.36 -12.42 15.09
CA ASP D 178 -6.11 -11.28 14.29
C ASP D 178 -5.54 -11.71 12.99
N LEU D 179 -5.95 -12.90 12.55
CA LEU D 179 -5.31 -13.55 11.44
C LEU D 179 -5.36 -12.74 10.16
N LEU D 180 -6.55 -12.20 9.86
CA LEU D 180 -6.69 -11.50 8.61
C LEU D 180 -5.77 -10.28 8.54
N GLN D 181 -5.68 -9.53 9.63
CA GLN D 181 -4.87 -8.28 9.69
C GLN D 181 -3.41 -8.62 9.56
N ARG D 182 -3.04 -9.73 10.20
CA ARG D 182 -1.63 -10.19 10.15
C ARG D 182 -1.26 -10.57 8.76
N LEU D 183 -2.16 -11.24 8.04
CA LEU D 183 -1.89 -11.57 6.64
C LEU D 183 -1.74 -10.40 5.74
N ASP D 184 -2.69 -9.48 5.86
CA ASP D 184 -2.65 -8.24 5.09
C ASP D 184 -1.35 -7.51 5.36
N ALA D 185 -0.91 -7.44 6.61
CA ALA D 185 0.33 -6.75 7.00
C ALA D 185 1.57 -7.40 6.35
N LEU D 186 1.65 -8.74 6.36
CA LEU D 186 2.70 -9.44 5.58
C LEU D 186 2.72 -9.13 4.13
N VAL D 187 1.54 -9.06 3.52
CA VAL D 187 1.45 -8.82 2.11
C VAL D 187 1.78 -7.37 1.75
N ALA D 188 1.48 -6.43 2.64
CA ALA D 188 1.78 -5.04 2.34
C ALA D 188 3.31 -4.81 2.45
N GLU D 189 3.99 -5.62 3.28
CA GLU D 189 5.41 -5.38 3.62
C GLU D 189 6.43 -6.28 2.89
N GLU D 190 6.03 -7.50 2.51
CA GLU D 190 6.97 -8.52 2.02
C GLU D 190 6.57 -9.11 0.67
N HIS D 191 7.58 -9.58 -0.03
CA HIS D 191 7.45 -10.15 -1.34
C HIS D 191 6.93 -11.57 -1.09
N LEU D 192 5.61 -11.69 -1.03
CA LEU D 192 5.08 -13.03 -0.80
C LEU D 192 3.60 -13.04 -1.22
N THR D 193 3.00 -14.22 -1.40
CA THR D 193 1.57 -14.36 -1.74
C THR D 193 0.89 -15.28 -0.70
N VAL D 194 -0.30 -14.91 -0.23
CA VAL D 194 -0.99 -15.70 0.73
C VAL D 194 -1.88 -16.61 -0.10
N ASP D 195 -2.10 -17.82 0.40
CA ASP D 195 -2.92 -18.77 -0.31
C ASP D 195 -4.37 -18.42 -0.15
N ALA D 196 -5.15 -18.69 -1.18
CA ALA D 196 -6.56 -18.43 -1.13
C ALA D 196 -7.35 -19.14 -0.06
N ARG D 197 -6.96 -20.36 0.27
N ARG D 197 -6.97 -20.38 0.25
CA ARG D 197 -7.66 -21.10 1.29
CA ARG D 197 -7.62 -21.15 1.33
C ARG D 197 -7.34 -20.56 2.68
C ARG D 197 -7.36 -20.50 2.67
N VAL D 198 -6.11 -20.08 2.90
CA VAL D 198 -5.72 -19.42 4.14
C VAL D 198 -6.50 -18.07 4.31
N TYR D 199 -6.59 -17.32 3.22
CA TYR D 199 -7.25 -16.04 3.22
C TYR D 199 -8.73 -16.25 3.40
N SER D 200 -9.28 -17.31 2.80
CA SER D 200 -10.76 -17.52 2.93
C SER D 200 -11.02 -17.90 4.35
N TYR D 201 -10.13 -18.72 4.91
CA TYR D 201 -10.24 -19.08 6.35
C TYR D 201 -10.24 -17.82 7.23
N ALA D 202 -9.25 -16.94 6.99
CA ALA D 202 -9.08 -15.72 7.79
C ALA D 202 -10.30 -14.75 7.68
N LEU D 203 -10.84 -14.61 6.46
CA LEU D 203 -12.04 -13.82 6.23
C LEU D 203 -13.21 -14.31 7.04
N ALA D 204 -13.47 -15.59 6.95
CA ALA D 204 -14.58 -16.19 7.72
C ALA D 204 -14.48 -16.02 9.22
N LEU D 205 -13.26 -15.93 9.78
CA LEU D 205 -13.12 -15.68 11.24
C LEU D 205 -13.70 -14.29 11.53
N LYS D 206 -13.61 -13.37 10.57
CA LYS D 206 -14.18 -12.04 10.79
C LYS D 206 -15.67 -12.02 10.47
N HIS D 207 -16.08 -12.74 9.43
CA HIS D 207 -17.48 -12.73 8.99
C HIS D 207 -18.41 -13.47 9.93
N ALA D 208 -17.90 -14.45 10.63
CA ALA D 208 -18.70 -15.22 11.60
C ALA D 208 -19.45 -14.39 12.57
N ASN D 209 -20.66 -14.85 12.87
CA ASN D 209 -21.49 -14.38 14.00
C ASN D 209 -22.40 -13.25 13.55
#